data_6J39
#
_entry.id   6J39
#
_cell.length_a   59.203
_cell.length_b   84.013
_cell.length_c   89.926
_cell.angle_alpha   90.00
_cell.angle_beta   97.27
_cell.angle_gamma   90.00
#
_symmetry.space_group_name_H-M   'P 1 21 1'
#
loop_
_entity.id
_entity.type
_entity.pdbx_description
1 polymer 'FAD-dependent glycine oxydase'
2 non-polymer 'FLAVIN-ADENINE DINUCLEOTIDE'
3 non-polymer '(3R)-3-[(carboxymethyl)sulfanyl]nonanoic acid'
4 water water
#
_entity_poly.entity_id   1
_entity_poly.type   'polypeptide(L)'
_entity_poly.pdbx_seq_one_letter_code
;MGSSHHHHHHSSGLVPRGSHMHVVVVGGGVIGLSVAWQALERGLRVTVVDPEPASKASHVSAGMLPAANEMLYSQEDLLR
LCLASRERYPSFVKELEAVSGTSAGYRRDGVLDAAFDDESLAALDGLRNFLAPLGVAVAPLNARRCREHEPMLAESVRGG
LLGPDDGAVNPRELTAALLAAIDVRGGTLIRRRATEFLADERTPGVLLENGCAVHGDRVVLSAGCWTHRLAGLPAGAVPE
IAPAKGQILRLRSAAPFLRRATRAVTRGSGVYLVPRTDGELVVGATYEERDYDTTVTAGGVAELLGKVLAVLPGAAELEL
AETAAGLRPGSPDGLPVLGWTAVPNLLVATGHSRIGVQLAPITADVMGEMLVTGRTPEVAKAFAVDRFAATAAAG
;
_entity_poly.pdbx_strand_id   A,B
#
loop_
_chem_comp.id
_chem_comp.type
_chem_comp.name
_chem_comp.formula
B6X non-polymer '(3R)-3-[(carboxymethyl)sulfanyl]nonanoic acid' 'C11 H20 O4 S'
FAD non-polymer 'FLAVIN-ADENINE DINUCLEOTIDE' 'C27 H33 N9 O15 P2'
#
# COMPACT_ATOMS: atom_id res chain seq x y z
N MET A 21 6.85 17.99 11.17
CA MET A 21 6.20 17.67 12.46
C MET A 21 7.13 16.83 13.30
N HIS A 22 6.73 16.54 14.54
CA HIS A 22 7.57 15.83 15.51
C HIS A 22 6.87 14.63 16.16
N VAL A 23 7.45 13.43 16.02
CA VAL A 23 6.90 12.22 16.63
C VAL A 23 7.83 11.71 17.70
N VAL A 24 7.28 11.44 18.86
CA VAL A 24 7.99 10.80 19.94
C VAL A 24 7.75 9.30 19.89
N VAL A 25 8.80 8.53 19.68
CA VAL A 25 8.75 7.07 19.73
C VAL A 25 9.21 6.56 21.08
N VAL A 26 8.38 5.77 21.74
CA VAL A 26 8.68 5.25 23.05
C VAL A 26 9.10 3.81 22.87
N GLY A 27 10.20 3.43 23.48
CA GLY A 27 10.81 2.11 23.18
C GLY A 27 11.62 2.17 21.88
N GLY A 28 12.82 1.63 21.93
CA GLY A 28 13.74 1.64 20.78
C GLY A 28 14.30 0.25 20.57
N GLY A 29 13.40 -0.74 20.49
CA GLY A 29 13.80 -2.06 20.02
C GLY A 29 13.84 -2.00 18.50
N VAL A 30 13.93 -3.15 17.84
CA VAL A 30 13.99 -3.14 16.38
C VAL A 30 12.78 -2.44 15.75
N ILE A 31 11.60 -2.57 16.39
CA ILE A 31 10.38 -2.09 15.77
C ILE A 31 10.37 -0.61 15.84
N GLY A 32 10.74 -0.08 16.97
CA GLY A 32 10.67 1.38 17.16
C GLY A 32 11.86 2.12 16.58
N LEU A 33 13.02 1.49 16.52
CA LEU A 33 14.19 2.14 15.84
C LEU A 33 13.83 2.24 14.38
N SER A 34 13.19 1.17 13.87
CA SER A 34 12.81 1.09 12.47
C SER A 34 11.79 2.13 12.12
N VAL A 35 10.71 2.21 12.89
CA VAL A 35 9.75 3.27 12.74
C VAL A 35 10.42 4.64 12.77
N ALA A 36 11.27 4.86 13.76
CA ALA A 36 11.92 6.16 13.92
C ALA A 36 12.76 6.52 12.68
N TRP A 37 13.50 5.54 12.16
CA TRP A 37 14.32 5.78 11.02
C TRP A 37 13.50 6.18 9.80
N GLN A 38 12.47 5.42 9.50
CA GLN A 38 11.68 5.68 8.32
C GLN A 38 10.94 6.98 8.43
N ALA A 39 10.51 7.31 9.63
CA ALA A 39 9.84 8.57 9.88
C ALA A 39 10.80 9.69 9.55
N LEU A 40 12.04 9.57 10.00
CA LEU A 40 13.07 10.55 9.63
C LEU A 40 13.26 10.56 8.12
N GLU A 41 13.43 9.39 7.52
CA GLU A 41 13.53 9.30 6.06
C GLU A 41 12.46 10.10 5.33
N ARG A 42 11.27 10.23 5.93
CA ARG A 42 10.16 10.93 5.30
C ARG A 42 10.06 12.34 5.84
N GLY A 43 11.18 12.96 6.15
CA GLY A 43 11.22 14.37 6.53
C GLY A 43 10.73 14.76 7.91
N LEU A 44 10.20 13.82 8.69
CA LEU A 44 9.74 14.14 10.05
C LEU A 44 10.89 14.32 11.06
N ARG A 45 10.57 14.98 12.17
CA ARG A 45 11.49 15.15 13.26
C ARG A 45 11.11 14.09 14.28
N VAL A 46 12.13 13.39 14.82
CA VAL A 46 11.88 12.24 15.69
C VAL A 46 12.74 12.25 16.95
N THR A 47 12.14 11.85 18.05
CA THR A 47 12.81 11.61 19.31
C THR A 47 12.48 10.18 19.74
N VAL A 48 13.52 9.39 20.03
CA VAL A 48 13.36 8.03 20.56
C VAL A 48 13.64 8.05 22.05
N VAL A 49 12.75 7.46 22.84
CA VAL A 49 12.93 7.38 24.28
C VAL A 49 13.13 5.92 24.66
N ASP A 50 14.32 5.58 25.16
CA ASP A 50 14.60 4.21 25.58
C ASP A 50 15.88 4.15 26.38
N PRO A 51 15.80 3.80 27.67
CA PRO A 51 16.99 3.77 28.53
C PRO A 51 18.11 2.86 28.03
N GLU A 52 17.75 1.75 27.40
CA GLU A 52 18.71 0.80 26.90
C GLU A 52 18.16 0.33 25.57
N PRO A 53 18.35 1.12 24.52
CA PRO A 53 17.91 0.74 23.17
C PRO A 53 18.38 -0.64 22.73
N ALA A 54 17.50 -1.38 22.05
CA ALA A 54 17.86 -2.71 21.49
C ALA A 54 18.50 -3.69 22.47
N SER A 55 18.05 -3.65 23.73
CA SER A 55 18.59 -4.50 24.81
C SER A 55 17.73 -5.70 25.17
N LYS A 56 16.48 -5.72 24.74
CA LYS A 56 15.57 -6.75 25.18
C LYS A 56 15.38 -7.82 24.10
N ALA A 57 14.12 -8.14 23.80
CA ALA A 57 13.84 -9.18 22.83
C ALA A 57 14.63 -9.00 21.54
N SER A 58 14.81 -7.77 21.09
CA SER A 58 15.57 -7.53 19.85
C SER A 58 17.05 -7.87 19.97
N HIS A 59 17.63 -7.75 21.17
CA HIS A 59 19.02 -8.15 21.41
C HIS A 59 19.25 -9.65 21.35
N VAL A 60 18.23 -10.41 21.74
CA VAL A 60 18.29 -11.86 21.93
C VAL A 60 17.89 -12.61 20.64
N SER A 61 17.03 -11.96 19.85
CA SER A 61 16.36 -12.52 18.69
C SER A 61 17.36 -13.16 17.74
N ALA A 62 16.95 -14.19 17.00
CA ALA A 62 17.83 -14.87 16.07
C ALA A 62 17.84 -14.16 14.74
N GLY A 63 16.72 -13.54 14.42
CA GLY A 63 16.60 -12.76 13.21
C GLY A 63 16.44 -13.61 11.98
N MET A 64 15.80 -14.78 12.13
CA MET A 64 15.57 -15.59 10.96
C MET A 64 14.45 -15.01 10.06
N LEU A 65 14.64 -15.16 8.74
CA LEU A 65 13.75 -14.62 7.72
C LEU A 65 13.40 -15.68 6.67
N PRO A 66 12.78 -16.77 7.10
CA PRO A 66 12.24 -17.66 6.13
C PRO A 66 10.97 -17.05 5.51
N ALA A 67 10.53 -17.60 4.39
CA ALA A 67 9.34 -17.11 3.74
C ALA A 67 8.09 -17.20 4.63
N ALA A 68 7.92 -18.29 5.39
CA ALA A 68 6.77 -18.39 6.31
C ALA A 68 7.04 -19.24 7.53
N ASN A 69 6.02 -19.36 8.39
CA ASN A 69 6.06 -20.26 9.54
C ASN A 69 4.62 -20.66 9.94
N GLU A 70 4.49 -21.31 11.08
CA GLU A 70 3.22 -21.93 11.48
C GLU A 70 2.07 -20.94 11.64
N MET A 71 2.37 -19.72 12.04
CA MET A 71 1.37 -18.70 12.38
C MET A 71 0.61 -18.19 11.17
N LEU A 72 1.06 -18.60 9.99
CA LEU A 72 0.60 -18.01 8.73
C LEU A 72 -0.30 -18.93 7.94
N TYR A 73 -0.31 -20.23 8.24
CA TYR A 73 -1.23 -21.10 7.51
C TYR A 73 -2.67 -20.57 7.66
N SER A 74 -3.09 -20.19 8.86
CA SER A 74 -4.49 -19.78 9.11
C SER A 74 -4.80 -18.32 8.91
N GLN A 75 -3.81 -17.44 9.13
CA GLN A 75 -3.99 -15.99 9.06
C GLN A 75 -3.54 -15.43 7.72
N GLU A 76 -4.51 -15.19 6.85
CA GLU A 76 -4.22 -14.80 5.47
C GLU A 76 -3.80 -13.33 5.50
N ASP A 77 -4.34 -12.56 6.45
CA ASP A 77 -3.95 -11.16 6.61
C ASP A 77 -2.48 -10.98 7.02
N LEU A 78 -2.06 -11.75 8.02
CA LEU A 78 -0.71 -11.69 8.52
C LEU A 78 0.29 -12.18 7.49
N LEU A 79 -0.12 -13.15 6.70
CA LEU A 79 0.71 -13.64 5.64
C LEU A 79 1.04 -12.50 4.69
N ARG A 80 0.01 -11.74 4.32
CA ARG A 80 0.20 -10.63 3.38
C ARG A 80 1.14 -9.57 3.97
N LEU A 81 1.00 -9.31 5.27
CA LEU A 81 1.93 -8.40 5.93
C LEU A 81 3.39 -8.92 5.82
N CYS A 82 3.59 -10.23 6.03
CA CYS A 82 4.91 -10.79 6.06
C CYS A 82 5.57 -10.74 4.70
N LEU A 83 4.82 -11.23 3.71
CA LEU A 83 5.32 -11.26 2.31
C LEU A 83 5.72 -9.88 1.78
N ALA A 84 5.00 -8.87 2.22
CA ALA A 84 5.29 -7.51 1.87
C ALA A 84 6.57 -7.14 2.57
N SER A 85 6.65 -7.42 3.86
CA SER A 85 7.92 -7.13 4.56
C SER A 85 9.11 -7.82 3.87
N ARG A 86 8.90 -9.06 3.42
CA ARG A 86 9.88 -9.84 2.70
C ARG A 86 10.30 -9.12 1.41
N GLU A 87 9.30 -8.65 0.67
CA GLU A 87 9.52 -7.96 -0.57
C GLU A 87 10.46 -6.78 -0.33
N ARG A 88 10.19 -6.08 0.77
CA ARG A 88 10.88 -4.82 1.15
C ARG A 88 12.25 -4.99 1.81
N TYR A 89 12.58 -6.18 2.31
CA TYR A 89 13.78 -6.32 3.10
C TYR A 89 15.02 -5.83 2.31
N PRO A 90 15.21 -6.35 1.09
CA PRO A 90 16.44 -5.98 0.38
C PRO A 90 16.59 -4.48 0.18
N SER A 91 15.50 -3.78 -0.17
CA SER A 91 15.57 -2.35 -0.40
C SER A 91 15.77 -1.59 0.92
N PHE A 92 15.22 -2.15 1.99
CA PHE A 92 15.24 -1.51 3.32
C PHE A 92 16.64 -1.54 3.85
N VAL A 93 17.27 -2.72 3.72
CA VAL A 93 18.65 -2.87 4.16
C VAL A 93 19.60 -1.96 3.39
N LYS A 94 19.40 -1.90 2.07
CA LYS A 94 20.30 -1.18 1.19
C LYS A 94 20.22 0.30 1.51
N GLU A 95 18.99 0.81 1.59
CA GLU A 95 18.75 2.20 1.97
C GLU A 95 19.44 2.51 3.31
N LEU A 96 19.36 1.57 4.24
CA LEU A 96 19.93 1.74 5.57
C LEU A 96 21.46 1.72 5.58
N GLU A 97 22.04 0.67 5.00
CA GLU A 97 23.50 0.57 4.95
C GLU A 97 24.12 1.81 4.30
N ALA A 98 23.46 2.32 3.26
CA ALA A 98 23.86 3.58 2.62
C ALA A 98 23.89 4.73 3.63
N VAL A 99 22.75 5.00 4.27
CA VAL A 99 22.67 6.09 5.25
C VAL A 99 23.65 5.93 6.43
N SER A 100 23.79 4.72 6.93
CA SER A 100 24.57 4.51 8.15
C SER A 100 26.05 4.20 7.87
N GLY A 101 26.33 3.75 6.65
CA GLY A 101 27.68 3.34 6.31
C GLY A 101 28.10 2.21 7.21
N THR A 102 27.12 1.48 7.74
CA THR A 102 27.36 0.36 8.64
C THR A 102 26.81 -0.87 7.94
N SER A 103 27.35 -2.06 8.22
CA SER A 103 26.68 -3.30 7.80
C SER A 103 25.50 -3.70 8.74
N ALA A 104 24.45 -4.24 8.15
CA ALA A 104 23.23 -4.60 8.88
C ALA A 104 23.12 -6.08 9.12
N GLY A 105 23.92 -6.85 8.40
CA GLY A 105 24.02 -8.29 8.61
C GLY A 105 22.90 -9.09 7.97
N TYR A 106 22.46 -8.68 6.78
CA TYR A 106 21.38 -9.35 6.07
C TYR A 106 21.97 -10.32 5.07
N ARG A 107 21.66 -11.60 5.20
CA ARG A 107 22.14 -12.60 4.26
C ARG A 107 20.96 -13.28 3.56
N ARG A 108 21.12 -13.43 2.25
CA ARG A 108 20.06 -13.95 1.37
C ARG A 108 20.43 -15.26 0.71
N ASP A 109 21.37 -16.03 1.26
CA ASP A 109 21.79 -17.27 0.62
C ASP A 109 20.86 -18.43 0.87
N GLY A 110 19.67 -18.15 1.38
CA GLY A 110 18.62 -19.16 1.44
C GLY A 110 18.32 -19.62 2.85
N VAL A 111 17.10 -20.13 3.03
CA VAL A 111 16.73 -20.87 4.22
C VAL A 111 16.51 -22.31 3.82
N LEU A 112 17.12 -23.24 4.56
CA LEU A 112 16.84 -24.66 4.38
C LEU A 112 15.88 -25.26 5.45
N ASP A 113 14.72 -25.73 5.02
CA ASP A 113 13.86 -26.57 5.87
C ASP A 113 14.18 -28.06 5.70
N ALA A 114 14.48 -28.75 6.80
CA ALA A 114 14.79 -30.17 6.83
C ALA A 114 13.85 -30.96 7.76
N ALA A 115 13.42 -32.13 7.27
CA ALA A 115 12.46 -33.01 7.94
C ALA A 115 13.14 -34.32 8.28
N PHE A 116 12.77 -34.91 9.41
CA PHE A 116 13.52 -36.06 9.96
C PHE A 116 12.67 -37.28 10.25
N ASP A 117 11.38 -37.18 9.99
CA ASP A 117 10.50 -38.32 10.10
C ASP A 117 9.26 -38.14 9.20
N ASP A 118 8.41 -39.15 9.17
CA ASP A 118 7.24 -39.15 8.29
C ASP A 118 6.41 -37.89 8.49
N GLU A 119 6.12 -37.63 9.76
CA GLU A 119 5.16 -36.62 10.16
C GLU A 119 5.63 -35.23 9.73
N SER A 120 6.95 -35.00 9.81
CA SER A 120 7.51 -33.69 9.44
C SER A 120 7.76 -33.57 7.94
N LEU A 121 7.96 -34.70 7.29
CA LEU A 121 8.05 -34.76 5.83
C LEU A 121 6.69 -34.47 5.19
N ALA A 122 5.62 -34.97 5.84
CA ALA A 122 4.25 -34.65 5.47
C ALA A 122 4.00 -33.14 5.53
N ALA A 123 4.42 -32.51 6.63
CA ALA A 123 4.24 -31.07 6.79
C ALA A 123 4.93 -30.27 5.68
N LEU A 124 6.10 -30.74 5.26
CA LEU A 124 6.85 -30.08 4.20
C LEU A 124 6.15 -30.10 2.84
N ASP A 125 5.50 -31.21 2.51
CA ASP A 125 4.69 -31.25 1.29
C ASP A 125 3.60 -30.19 1.41
N GLY A 126 2.96 -30.12 2.58
CA GLY A 126 1.97 -29.09 2.86
C GLY A 126 2.56 -27.69 2.66
N LEU A 127 3.76 -27.50 3.16
CA LEU A 127 4.43 -26.22 3.03
C LEU A 127 4.69 -25.88 1.56
N ARG A 128 5.20 -26.83 0.79
CA ARG A 128 5.44 -26.57 -0.64
C ARG A 128 4.15 -26.08 -1.27
N ASN A 129 3.06 -26.77 -0.97
CA ASN A 129 1.76 -26.45 -1.56
C ASN A 129 1.24 -25.08 -1.13
N PHE A 130 1.62 -24.66 0.06
CA PHE A 130 1.31 -23.33 0.58
C PHE A 130 2.09 -22.22 -0.15
N LEU A 131 3.35 -22.49 -0.48
CA LEU A 131 4.24 -21.44 -0.93
C LEU A 131 4.25 -21.12 -2.43
N ALA A 132 4.01 -22.13 -3.25
CA ALA A 132 4.02 -21.97 -4.71
C ALA A 132 3.00 -20.94 -5.22
N PRO A 133 1.72 -21.07 -4.79
CA PRO A 133 0.73 -20.05 -5.15
C PRO A 133 1.23 -18.62 -5.06
N LEU A 134 2.12 -18.33 -4.11
CA LEU A 134 2.48 -16.95 -3.77
C LEU A 134 3.81 -16.50 -4.39
N GLY A 135 4.31 -17.24 -5.37
CA GLY A 135 5.50 -16.79 -6.12
C GLY A 135 6.75 -16.67 -5.25
N VAL A 136 6.84 -17.57 -4.26
CA VAL A 136 8.00 -17.72 -3.41
C VAL A 136 8.78 -18.85 -3.99
N ALA A 137 10.05 -18.58 -4.26
CA ALA A 137 10.95 -19.60 -4.77
C ALA A 137 11.17 -20.69 -3.73
N VAL A 138 10.79 -21.90 -4.08
CA VAL A 138 10.95 -23.07 -3.25
C VAL A 138 11.50 -24.20 -4.14
N ALA A 139 12.32 -25.07 -3.57
CA ALA A 139 12.90 -26.17 -4.32
C ALA A 139 12.91 -27.41 -3.43
N PRO A 140 12.02 -28.38 -3.70
CA PRO A 140 11.99 -29.59 -2.86
C PRO A 140 13.28 -30.38 -3.05
N LEU A 141 13.75 -31.01 -1.98
CA LEU A 141 14.97 -31.79 -1.95
C LEU A 141 14.72 -33.16 -1.29
N ASN A 142 15.17 -34.22 -1.94
CA ASN A 142 15.15 -35.54 -1.34
C ASN A 142 16.29 -35.64 -0.34
N ALA A 143 16.20 -36.64 0.54
CA ALA A 143 17.25 -36.89 1.54
C ALA A 143 18.67 -36.68 0.96
N ARG A 144 18.98 -37.33 -0.15
CA ARG A 144 20.29 -37.21 -0.76
C ARG A 144 20.67 -35.73 -0.87
N ARG A 145 19.76 -34.94 -1.45
CA ARG A 145 20.08 -33.56 -1.78
C ARG A 145 20.08 -32.64 -0.56
N CYS A 146 19.24 -32.95 0.45
CA CYS A 146 19.34 -32.33 1.76
C CYS A 146 20.80 -32.42 2.28
N ARG A 147 21.36 -33.61 2.26
CA ARG A 147 22.72 -33.83 2.78
C ARG A 147 23.78 -33.14 1.91
N GLU A 148 23.50 -32.88 0.65
CA GLU A 148 24.48 -32.23 -0.23
C GLU A 148 24.51 -30.74 0.05
N HIS A 149 23.34 -30.19 0.36
CA HIS A 149 23.23 -28.78 0.69
C HIS A 149 23.77 -28.47 2.07
N GLU A 150 23.50 -29.37 3.02
CA GLU A 150 24.12 -29.29 4.33
C GLU A 150 24.75 -30.63 4.78
N PRO A 151 26.05 -30.78 4.50
CA PRO A 151 26.76 -31.99 4.89
C PRO A 151 26.62 -32.33 6.35
N MET A 152 26.39 -31.32 7.21
CA MET A 152 26.39 -31.54 8.66
C MET A 152 25.10 -32.10 9.22
N LEU A 153 24.09 -32.28 8.37
CA LEU A 153 22.84 -32.87 8.82
C LEU A 153 23.03 -34.33 9.20
N ALA A 154 22.18 -34.80 10.10
CA ALA A 154 22.19 -36.21 10.52
C ALA A 154 21.69 -37.09 9.39
N GLU A 155 22.22 -38.32 9.30
CA GLU A 155 21.83 -39.28 8.25
C GLU A 155 20.33 -39.56 8.24
N SER A 156 19.70 -39.49 9.40
CA SER A 156 18.27 -39.75 9.53
C SER A 156 17.37 -38.75 8.77
N VAL A 157 17.98 -37.77 8.09
CA VAL A 157 17.19 -36.76 7.38
C VAL A 157 16.46 -37.42 6.25
N ARG A 158 15.24 -36.95 6.02
CA ARG A 158 14.29 -37.60 5.14
C ARG A 158 13.97 -36.79 3.87
N GLY A 159 13.79 -35.49 4.04
CA GLY A 159 13.45 -34.62 2.91
C GLY A 159 13.61 -33.18 3.36
N GLY A 160 13.49 -32.24 2.42
CA GLY A 160 13.59 -30.81 2.75
C GLY A 160 13.26 -29.85 1.63
N LEU A 161 12.88 -28.62 1.98
CA LEU A 161 12.66 -27.54 1.02
C LEU A 161 13.72 -26.47 1.15
N LEU A 162 14.25 -26.01 0.02
CA LEU A 162 15.14 -24.83 0.03
C LEU A 162 14.37 -23.62 -0.50
N GLY A 163 14.52 -22.49 0.19
CA GLY A 163 13.89 -21.23 -0.22
C GLY A 163 14.98 -20.20 -0.48
N PRO A 164 15.60 -20.25 -1.66
CA PRO A 164 16.89 -19.55 -1.91
C PRO A 164 16.84 -18.05 -1.81
N ASP A 165 15.68 -17.44 -2.03
CA ASP A 165 15.56 -15.99 -1.87
C ASP A 165 15.34 -15.54 -0.41
N ASP A 166 15.10 -16.47 0.51
CA ASP A 166 14.98 -16.17 1.94
C ASP A 166 16.31 -16.23 2.64
N GLY A 167 16.31 -15.87 3.93
CA GLY A 167 17.55 -15.91 4.68
C GLY A 167 17.45 -15.50 6.14
N ALA A 168 18.31 -14.60 6.56
CA ALA A 168 18.35 -14.15 7.95
C ALA A 168 19.07 -12.84 8.07
N VAL A 169 18.82 -12.14 9.18
CA VAL A 169 19.55 -10.92 9.51
C VAL A 169 20.05 -11.05 10.93
N ASN A 170 21.17 -10.40 11.22
CA ASN A 170 21.63 -10.26 12.60
C ASN A 170 21.02 -9.01 13.25
N PRO A 171 20.03 -9.19 14.15
CA PRO A 171 19.37 -8.05 14.74
C PRO A 171 20.30 -7.11 15.47
N ARG A 172 21.40 -7.63 16.00
CA ARG A 172 22.35 -6.80 16.73
C ARG A 172 23.02 -5.87 15.76
N GLU A 173 23.41 -6.37 14.61
CA GLU A 173 23.96 -5.50 13.56
C GLU A 173 22.89 -4.59 12.95
N LEU A 174 21.65 -5.09 12.83
CA LEU A 174 20.58 -4.29 12.23
C LEU A 174 20.25 -3.09 13.12
N THR A 175 20.16 -3.33 14.42
CA THR A 175 19.71 -2.28 15.34
C THR A 175 20.78 -1.24 15.52
N ALA A 176 22.04 -1.68 15.48
CA ALA A 176 23.19 -0.74 15.49
C ALA A 176 23.11 0.19 14.28
N ALA A 177 22.97 -0.37 13.08
CA ALA A 177 22.80 0.44 11.88
C ALA A 177 21.64 1.43 12.00
N LEU A 178 20.51 0.96 12.49
CA LEU A 178 19.34 1.83 12.65
C LEU A 178 19.71 3.02 13.52
N LEU A 179 20.39 2.77 14.63
CA LEU A 179 20.88 3.85 15.50
C LEU A 179 21.79 4.83 14.80
N ALA A 180 22.74 4.30 14.06
CA ALA A 180 23.69 5.13 13.32
C ALA A 180 22.92 5.98 12.33
N ALA A 181 21.91 5.38 11.70
CA ALA A 181 21.17 6.08 10.67
C ALA A 181 20.32 7.17 11.28
N ILE A 182 19.64 6.83 12.36
CA ILE A 182 18.82 7.76 13.10
C ILE A 182 19.66 8.96 13.50
N ASP A 183 20.88 8.69 13.92
CA ASP A 183 21.77 9.77 14.36
C ASP A 183 22.13 10.63 13.15
N VAL A 184 22.67 9.99 12.12
CA VAL A 184 23.04 10.66 10.86
C VAL A 184 21.93 11.57 10.34
N ARG A 185 20.67 11.17 10.47
CA ARG A 185 19.54 12.02 10.04
C ARG A 185 19.09 13.00 11.11
N GLY A 186 19.77 13.00 12.26
CA GLY A 186 19.53 13.98 13.31
C GLY A 186 18.32 13.76 14.19
N GLY A 187 17.87 12.53 14.31
CA GLY A 187 16.88 12.18 15.33
C GLY A 187 17.56 12.25 16.67
N THR A 188 16.78 12.50 17.72
CA THR A 188 17.26 12.58 19.08
C THR A 188 17.11 11.21 19.73
N LEU A 189 18.07 10.81 20.56
CA LEU A 189 17.89 9.64 21.43
C LEU A 189 17.97 10.03 22.92
N ILE A 190 16.87 9.88 23.64
CA ILE A 190 16.88 10.10 25.07
C ILE A 190 16.93 8.77 25.83
N ARG A 191 18.10 8.48 26.40
CA ARG A 191 18.33 7.25 27.14
C ARG A 191 17.72 7.35 28.55
N ARG A 192 16.40 7.43 28.59
CA ARG A 192 15.69 7.42 29.85
C ARG A 192 14.36 6.69 29.72
N ARG A 193 13.92 6.08 30.81
CA ARG A 193 12.61 5.43 30.88
C ARG A 193 11.49 6.47 30.79
N ALA A 194 10.48 6.19 29.98
CA ALA A 194 9.25 6.98 30.02
C ALA A 194 8.41 6.42 31.15
N THR A 195 8.11 7.28 32.12
CA THR A 195 7.47 6.85 33.36
C THR A 195 5.96 7.04 33.31
N GLU A 196 5.51 7.88 32.38
CA GLU A 196 4.11 8.26 32.35
C GLU A 196 3.73 8.85 31.00
N PHE A 197 2.51 8.54 30.56
CA PHE A 197 1.94 9.20 29.38
C PHE A 197 1.28 10.52 29.80
N LEU A 198 1.51 11.57 29.02
CA LEU A 198 0.85 12.85 29.26
C LEU A 198 -0.26 13.03 28.24
N ALA A 199 -1.47 13.11 28.78
CA ALA A 199 -2.71 13.04 28.05
C ALA A 199 -3.42 14.38 28.10
N ASP A 200 -4.50 14.48 27.35
CA ASP A 200 -5.48 15.56 27.48
C ASP A 200 -4.93 16.98 27.42
N GLU A 201 -3.83 17.16 26.70
CA GLU A 201 -3.35 18.49 26.32
C GLU A 201 -3.48 18.63 24.80
N ARG A 202 -3.17 19.82 24.28
CA ARG A 202 -3.31 20.05 22.85
C ARG A 202 -2.48 19.02 22.07
N THR A 203 -1.34 18.61 22.65
CA THR A 203 -0.52 17.57 22.05
C THR A 203 -0.10 16.53 23.07
N PRO A 204 0.17 15.30 22.62
CA PRO A 204 0.60 14.26 23.55
C PRO A 204 2.10 14.31 23.85
N GLY A 205 2.47 13.59 24.91
CA GLY A 205 3.85 13.54 25.37
C GLY A 205 4.07 12.47 26.43
N VAL A 206 5.32 12.36 26.88
CA VAL A 206 5.68 11.44 27.97
C VAL A 206 6.53 12.16 29.00
N LEU A 207 6.41 11.71 30.23
CA LEU A 207 7.23 12.17 31.31
C LEU A 207 8.31 11.12 31.45
N LEU A 208 9.50 11.57 31.82
CA LEU A 208 10.63 10.69 31.98
C LEU A 208 11.00 10.53 33.44
N GLU A 209 11.70 9.44 33.74
CA GLU A 209 12.12 9.13 35.11
C GLU A 209 12.80 10.31 35.81
N ASN A 210 13.54 11.13 35.07
CA ASN A 210 14.25 12.26 35.68
C ASN A 210 13.42 13.54 35.81
N GLY A 211 12.08 13.41 35.73
CA GLY A 211 11.17 14.55 35.88
C GLY A 211 10.91 15.38 34.63
N CYS A 212 11.81 15.36 33.64
CA CYS A 212 11.62 16.15 32.42
C CYS A 212 10.48 15.59 31.54
N ALA A 213 9.96 16.41 30.63
CA ALA A 213 8.86 16.02 29.75
C ALA A 213 9.25 16.16 28.29
N VAL A 214 8.68 15.28 27.47
CA VAL A 214 8.80 15.38 26.02
C VAL A 214 7.41 15.27 25.39
N HIS A 215 6.99 16.32 24.69
CA HIS A 215 5.78 16.28 23.92
C HIS A 215 6.15 16.28 22.46
N GLY A 216 5.19 15.87 21.65
CA GLY A 216 5.35 15.80 20.21
C GLY A 216 3.97 15.82 19.60
N ASP A 217 3.93 16.01 18.28
CA ASP A 217 2.68 16.14 17.56
C ASP A 217 2.00 14.78 17.52
N ARG A 218 2.81 13.72 17.55
CA ARG A 218 2.32 12.36 17.65
C ARG A 218 3.18 11.56 18.64
N VAL A 219 2.55 10.67 19.40
CA VAL A 219 3.31 9.68 20.14
C VAL A 219 3.05 8.29 19.58
N VAL A 220 4.13 7.53 19.38
CA VAL A 220 4.04 6.15 19.00
C VAL A 220 4.63 5.30 20.10
N LEU A 221 3.85 4.34 20.59
CA LEU A 221 4.32 3.41 21.61
C LEU A 221 4.83 2.12 20.98
N SER A 222 6.07 1.80 21.27
CA SER A 222 6.67 0.60 20.73
C SER A 222 7.66 0.04 21.75
N ALA A 223 7.11 -0.39 22.87
CA ALA A 223 7.92 -0.78 24.00
C ALA A 223 7.74 -2.23 24.32
N GLY A 224 7.45 -3.05 23.32
CA GLY A 224 7.40 -4.47 23.55
C GLY A 224 6.35 -4.79 24.62
N CYS A 225 6.66 -5.79 25.44
CA CYS A 225 5.76 -6.26 26.47
C CYS A 225 5.57 -5.24 27.60
N TRP A 226 6.20 -4.08 27.47
CA TRP A 226 6.05 -3.02 28.46
C TRP A 226 5.13 -1.96 27.96
N THR A 227 4.85 -1.98 26.67
CA THR A 227 3.99 -1.00 26.05
C THR A 227 2.74 -0.72 26.88
N HIS A 228 1.99 -1.75 27.22
CA HIS A 228 0.70 -1.53 27.90
C HIS A 228 0.86 -1.01 29.32
N ARG A 229 2.05 -1.19 29.88
CA ARG A 229 2.27 -0.94 31.29
C ARG A 229 2.54 0.49 31.64
N LEU A 230 2.73 1.34 30.64
CA LEU A 230 3.10 2.73 30.88
C LEU A 230 1.96 3.44 31.60
N ALA A 231 2.26 4.01 32.76
CA ALA A 231 1.22 4.67 33.56
C ALA A 231 0.70 5.93 32.87
N GLY A 232 -0.59 6.20 33.05
CA GLY A 232 -1.23 7.38 32.47
C GLY A 232 -2.05 7.06 31.23
N LEU A 233 -1.99 5.81 30.78
CA LEU A 233 -2.72 5.41 29.61
C LEU A 233 -4.18 5.24 29.98
N PRO A 234 -5.06 5.90 29.22
CA PRO A 234 -6.47 5.64 29.43
C PRO A 234 -6.79 4.17 29.27
N ALA A 235 -7.47 3.62 30.27
CA ALA A 235 -7.98 2.25 30.23
C ALA A 235 -8.50 1.87 28.84
N GLY A 236 -8.16 0.66 28.40
CA GLY A 236 -8.54 0.16 27.06
C GLY A 236 -7.81 0.74 25.84
N ALA A 237 -7.04 1.81 26.04
CA ALA A 237 -6.35 2.48 24.91
C ALA A 237 -5.43 1.52 24.19
N VAL A 238 -4.61 0.84 24.97
CA VAL A 238 -3.70 -0.15 24.44
C VAL A 238 -4.05 -1.52 25.00
N PRO A 239 -4.05 -2.56 24.15
CA PRO A 239 -4.32 -3.89 24.63
C PRO A 239 -3.10 -4.46 25.31
N GLU A 240 -3.29 -5.61 25.96
CA GLU A 240 -2.22 -6.24 26.73
C GLU A 240 -1.22 -6.90 25.79
N ILE A 241 0.04 -6.54 25.94
CA ILE A 241 1.12 -7.07 25.16
C ILE A 241 1.89 -8.04 26.04
N ALA A 242 1.36 -9.24 26.17
CA ALA A 242 1.82 -10.17 27.18
C ALA A 242 3.15 -10.77 26.82
N PRO A 243 4.10 -10.75 27.79
CA PRO A 243 5.42 -11.33 27.53
C PRO A 243 5.36 -12.83 27.29
N ALA A 244 6.11 -13.29 26.30
CA ALA A 244 6.26 -14.71 26.04
C ALA A 244 7.73 -15.05 25.98
N LYS A 245 8.23 -15.63 27.06
CA LYS A 245 9.64 -15.82 27.25
C LYS A 245 10.25 -16.78 26.22
N GLY A 246 11.48 -16.48 25.82
CA GLY A 246 12.17 -17.36 24.92
C GLY A 246 13.63 -17.40 25.28
N GLN A 247 14.13 -18.60 25.56
CA GLN A 247 15.55 -18.81 25.76
C GLN A 247 16.15 -19.11 24.39
N ILE A 248 17.42 -18.80 24.23
CA ILE A 248 18.10 -18.94 22.93
C ILE A 248 19.59 -19.03 23.16
N LEU A 249 20.26 -19.86 22.39
CA LEU A 249 21.70 -19.93 22.60
C LEU A 249 22.53 -19.66 21.35
N ARG A 250 23.82 -19.46 21.56
CA ARG A 250 24.72 -19.16 20.44
C ARG A 250 25.94 -20.02 20.62
N LEU A 251 26.19 -20.88 19.63
CA LEU A 251 27.38 -21.70 19.60
C LEU A 251 28.40 -20.98 18.72
N ARG A 252 29.65 -21.43 18.74
CA ARG A 252 30.65 -20.78 17.92
C ARG A 252 31.79 -21.72 17.47
N SER A 253 32.29 -21.45 16.27
CA SER A 253 33.44 -22.12 15.69
C SER A 253 34.22 -21.03 14.95
N ALA A 254 35.49 -21.28 14.68
CA ALA A 254 36.32 -20.28 14.00
C ALA A 254 35.74 -19.94 12.62
N ALA A 255 35.41 -20.95 11.84
CA ALA A 255 34.75 -20.75 10.54
C ALA A 255 33.35 -21.37 10.60
N PRO A 256 32.38 -20.79 9.87
CA PRO A 256 31.01 -21.31 9.91
C PRO A 256 30.93 -22.80 9.76
N PHE A 257 30.02 -23.37 10.55
CA PHE A 257 29.82 -24.81 10.63
C PHE A 257 28.65 -25.21 9.73
N LEU A 258 27.68 -24.32 9.62
CA LEU A 258 26.46 -24.53 8.87
C LEU A 258 26.43 -23.57 7.69
N ARG A 259 25.96 -24.04 6.54
CA ARG A 259 26.05 -23.27 5.29
C ARG A 259 25.04 -22.13 5.25
N ARG A 260 23.86 -22.35 5.83
CA ARG A 260 22.82 -21.35 5.76
C ARG A 260 21.74 -21.50 6.84
N ALA A 261 20.97 -20.44 7.03
CA ALA A 261 19.84 -20.49 7.92
C ALA A 261 19.09 -21.82 7.70
N THR A 262 18.92 -22.59 8.78
CA THR A 262 18.38 -23.92 8.68
C THR A 262 17.30 -24.15 9.77
N ARG A 263 16.16 -24.71 9.37
CA ARG A 263 15.05 -24.98 10.28
C ARG A 263 14.76 -26.47 10.22
N ALA A 264 14.87 -27.17 11.34
CA ALA A 264 14.76 -28.64 11.35
C ALA A 264 13.68 -29.16 12.26
N VAL A 265 12.90 -30.10 11.78
CA VAL A 265 11.73 -30.55 12.53
C VAL A 265 11.79 -32.04 12.69
N THR A 266 11.60 -32.52 13.91
CA THR A 266 11.58 -33.96 14.12
C THR A 266 10.90 -34.26 15.40
N ARG A 267 10.17 -35.36 15.37
CA ARG A 267 9.44 -35.84 16.52
C ARG A 267 8.62 -34.69 17.10
N GLY A 268 7.88 -34.01 16.23
CA GLY A 268 6.76 -33.16 16.62
C GLY A 268 7.06 -31.69 16.89
N SER A 269 8.24 -31.41 17.41
CA SER A 269 8.67 -30.04 17.55
C SER A 269 9.90 -29.79 16.65
N GLY A 270 10.34 -28.53 16.64
CA GLY A 270 11.45 -28.08 15.82
C GLY A 270 12.44 -27.14 16.52
N VAL A 271 13.45 -26.76 15.74
CA VAL A 271 14.57 -25.95 16.19
C VAL A 271 15.06 -25.20 14.98
N TYR A 272 15.51 -23.95 15.16
CA TYR A 272 16.14 -23.25 14.04
C TYR A 272 17.57 -22.87 14.37
N LEU A 273 18.37 -22.69 13.32
CA LEU A 273 19.81 -22.68 13.42
C LEU A 273 20.36 -21.65 12.47
N VAL A 274 20.76 -20.50 12.97
CA VAL A 274 21.07 -19.40 12.08
C VAL A 274 22.57 -19.11 12.15
N PRO A 275 23.32 -19.40 11.05
CA PRO A 275 24.73 -19.10 11.02
C PRO A 275 24.99 -17.67 10.65
N ARG A 276 25.98 -17.10 11.31
CA ARG A 276 26.46 -15.81 10.96
C ARG A 276 27.76 -16.03 10.26
N THR A 277 28.14 -15.01 9.52
CA THR A 277 29.36 -14.98 8.74
C THR A 277 30.63 -15.30 9.58
N ASP A 278 30.64 -14.87 10.84
CA ASP A 278 31.84 -14.94 11.69
C ASP A 278 32.00 -16.17 12.56
N GLY A 279 31.16 -17.19 12.37
CA GLY A 279 31.22 -18.39 13.18
C GLY A 279 30.10 -18.55 14.21
N GLU A 280 29.46 -17.44 14.61
CA GLU A 280 28.34 -17.48 15.52
C GLU A 280 27.34 -18.42 14.91
N LEU A 281 26.64 -19.20 15.75
CA LEU A 281 25.56 -20.07 15.32
C LEU A 281 24.42 -20.04 16.32
N VAL A 282 23.33 -19.38 15.94
CA VAL A 282 22.22 -19.16 16.85
C VAL A 282 21.35 -20.38 16.86
N VAL A 283 20.88 -20.76 18.05
CA VAL A 283 20.02 -21.92 18.18
C VAL A 283 18.81 -21.56 19.02
N GLY A 284 17.65 -21.47 18.39
CA GLY A 284 16.42 -21.12 19.09
C GLY A 284 15.37 -22.17 18.81
N ALA A 285 14.31 -22.24 19.61
CA ALA A 285 14.07 -21.38 20.77
C ALA A 285 13.00 -22.00 21.67
N THR A 286 13.07 -21.74 22.96
CA THR A 286 11.94 -22.14 23.83
C THR A 286 10.81 -21.15 23.72
N TYR A 287 9.57 -21.63 23.87
CA TYR A 287 8.37 -20.77 23.97
C TYR A 287 7.76 -21.12 25.31
N GLU A 288 7.79 -20.16 26.24
CA GLU A 288 7.41 -20.39 27.64
C GLU A 288 6.53 -19.29 28.17
N GLU A 289 5.75 -19.63 29.21
CA GLU A 289 4.83 -18.70 29.85
C GLU A 289 5.31 -18.42 31.27
N ARG A 290 6.15 -17.40 31.44
CA ARG A 290 6.75 -17.11 32.74
C ARG A 290 6.70 -15.64 33.09
N ASP A 291 5.74 -14.92 32.56
CA ASP A 291 5.70 -13.49 32.73
C ASP A 291 7.00 -12.84 32.28
N TYR A 292 7.51 -11.91 33.09
CA TYR A 292 8.61 -11.08 32.66
C TYR A 292 9.96 -11.70 32.99
N ASP A 293 9.98 -12.95 33.44
CA ASP A 293 11.24 -13.61 33.80
C ASP A 293 12.11 -13.90 32.58
N THR A 294 13.39 -13.61 32.70
CA THR A 294 14.36 -13.91 31.63
C THR A 294 15.56 -14.64 32.21
N THR A 295 15.30 -15.59 33.09
CA THR A 295 16.33 -16.47 33.62
C THR A 295 16.63 -17.57 32.61
N VAL A 296 17.91 -17.88 32.47
CA VAL A 296 18.30 -18.96 31.60
C VAL A 296 18.27 -20.18 32.45
N THR A 297 17.71 -21.28 31.98
CA THR A 297 17.49 -22.40 32.89
C THR A 297 18.12 -23.66 32.38
N ALA A 298 18.49 -24.52 33.30
CA ALA A 298 18.96 -25.83 32.94
C ALA A 298 18.00 -26.47 31.96
N GLY A 299 16.72 -26.38 32.31
CA GLY A 299 15.65 -26.92 31.46
C GLY A 299 15.65 -26.36 30.05
N GLY A 300 15.63 -25.03 29.96
CA GLY A 300 15.68 -24.38 28.65
C GLY A 300 16.90 -24.76 27.80
N VAL A 301 18.07 -24.63 28.37
CA VAL A 301 19.29 -24.84 27.64
C VAL A 301 19.39 -26.30 27.23
N ALA A 302 18.96 -27.20 28.09
CA ALA A 302 19.03 -28.63 27.75
C ALA A 302 18.15 -28.97 26.55
N GLU A 303 16.92 -28.44 26.56
CA GLU A 303 15.98 -28.59 25.45
C GLU A 303 16.60 -28.17 24.14
N LEU A 304 17.21 -26.99 24.13
CA LEU A 304 17.79 -26.48 22.90
C LEU A 304 18.96 -27.33 22.47
N LEU A 305 19.84 -27.63 23.40
CA LEU A 305 21.02 -28.43 23.08
C LEU A 305 20.63 -29.80 22.52
N GLY A 306 19.64 -30.43 23.14
CA GLY A 306 19.15 -31.74 22.67
C GLY A 306 18.71 -31.70 21.22
N LYS A 307 17.86 -30.71 20.93
CA LYS A 307 17.32 -30.55 19.58
C LYS A 307 18.43 -30.42 18.55
N VAL A 308 19.39 -29.55 18.83
CA VAL A 308 20.42 -29.23 17.84
C VAL A 308 21.39 -30.40 17.66
N LEU A 309 21.73 -31.06 18.75
CA LEU A 309 22.66 -32.20 18.68
C LEU A 309 22.05 -33.38 17.95
N ALA A 310 20.74 -33.56 18.15
CA ALA A 310 19.95 -34.53 17.38
C ALA A 310 20.11 -34.38 15.88
N VAL A 311 20.01 -33.14 15.39
CA VAL A 311 20.01 -32.93 13.95
C VAL A 311 21.39 -32.49 13.41
N LEU A 312 22.34 -32.16 14.29
CA LEU A 312 23.68 -31.75 13.86
C LEU A 312 24.70 -32.37 14.79
N PRO A 313 24.94 -33.69 14.64
CA PRO A 313 25.70 -34.43 15.64
C PRO A 313 27.08 -33.90 15.82
N GLY A 314 27.67 -33.34 14.76
CA GLY A 314 29.01 -32.76 14.84
C GLY A 314 29.05 -31.53 15.71
N ALA A 315 27.88 -30.92 15.95
CA ALA A 315 27.81 -29.71 16.81
C ALA A 315 28.15 -29.97 18.27
N ALA A 316 28.30 -31.24 18.63
CA ALA A 316 28.87 -31.58 19.94
C ALA A 316 30.12 -30.76 20.26
N GLU A 317 31.04 -30.65 19.25
CA GLU A 317 32.32 -30.02 19.45
C GLU A 317 32.20 -28.54 19.56
N LEU A 318 31.14 -27.94 19.05
CA LEU A 318 31.08 -26.46 19.05
C LEU A 318 31.09 -25.80 20.42
N GLU A 319 31.83 -24.69 20.52
CA GLU A 319 31.81 -23.90 21.76
C GLU A 319 30.42 -23.35 22.10
N LEU A 320 30.03 -23.43 23.35
CA LEU A 320 28.80 -22.78 23.81
C LEU A 320 29.15 -21.39 24.28
N ALA A 321 28.89 -20.40 23.43
CA ALA A 321 29.42 -19.04 23.68
C ALA A 321 28.46 -18.17 24.46
N GLU A 322 27.18 -18.42 24.32
CA GLU A 322 26.23 -17.54 24.94
C GLU A 322 24.89 -18.24 25.16
N THR A 323 24.30 -17.99 26.32
CA THR A 323 22.95 -18.38 26.59
C THR A 323 22.22 -17.13 27.02
N ALA A 324 20.97 -16.98 26.57
CA ALA A 324 20.27 -15.73 26.80
C ALA A 324 18.78 -15.97 26.75
N ALA A 325 18.02 -14.93 27.04
CA ALA A 325 16.56 -15.12 27.23
C ALA A 325 15.80 -13.81 27.04
N GLY A 326 14.88 -13.78 26.10
CA GLY A 326 14.09 -12.56 25.85
C GLY A 326 12.58 -12.74 26.00
N LEU A 327 11.86 -11.62 26.00
CA LEU A 327 10.39 -11.64 26.13
C LEU A 327 9.73 -11.15 24.85
N ARG A 328 9.02 -12.04 24.18
CA ARG A 328 8.36 -11.67 22.95
C ARG A 328 7.12 -10.83 23.26
N PRO A 329 6.89 -9.75 22.50
CA PRO A 329 5.69 -8.99 22.72
C PRO A 329 4.45 -9.64 22.08
N GLY A 330 3.51 -10.09 22.91
CA GLY A 330 2.28 -10.72 22.43
C GLY A 330 1.10 -9.78 22.27
N SER A 331 -0.08 -10.35 21.99
CA SER A 331 -1.33 -9.61 22.03
C SER A 331 -2.48 -10.58 22.27
N PRO A 332 -3.66 -10.07 22.69
CA PRO A 332 -4.76 -10.98 23.05
C PRO A 332 -5.11 -12.06 21.99
N ASP A 333 -4.97 -11.73 20.71
CA ASP A 333 -5.18 -12.71 19.64
C ASP A 333 -3.92 -13.11 18.86
N GLY A 334 -2.75 -12.74 19.38
CA GLY A 334 -1.48 -13.17 18.79
C GLY A 334 -1.13 -12.56 17.44
N LEU A 335 -1.74 -11.42 17.13
CA LEU A 335 -1.46 -10.67 15.92
C LEU A 335 -0.97 -9.31 16.31
N PRO A 336 -0.13 -8.70 15.46
CA PRO A 336 0.42 -7.38 15.73
C PRO A 336 -0.63 -6.33 15.98
N VAL A 337 -0.21 -5.29 16.66
CA VAL A 337 -1.05 -4.19 17.00
C VAL A 337 -0.42 -2.91 16.45
N LEU A 338 -0.95 -2.41 15.35
CA LEU A 338 -0.49 -1.21 14.65
C LEU A 338 -1.60 -0.20 14.41
N GLY A 339 -1.29 1.09 14.47
CA GLY A 339 -2.28 2.13 14.15
C GLY A 339 -2.62 3.13 15.25
N TRP A 340 -3.73 3.85 15.07
CA TRP A 340 -4.18 4.79 16.06
C TRP A 340 -4.89 4.08 17.20
N THR A 341 -4.74 4.65 18.40
CA THR A 341 -5.57 4.31 19.53
C THR A 341 -6.79 5.21 19.53
N ALA A 342 -7.72 4.91 20.45
CA ALA A 342 -8.84 5.80 20.79
C ALA A 342 -8.36 7.15 21.28
N VAL A 343 -7.15 7.22 21.81
CA VAL A 343 -6.55 8.49 22.21
C VAL A 343 -5.95 9.20 21.02
N PRO A 344 -6.22 10.51 20.88
CA PRO A 344 -5.85 11.21 19.67
C PRO A 344 -4.35 11.47 19.59
N ASN A 345 -3.81 11.32 18.40
CA ASN A 345 -2.37 11.42 18.16
C ASN A 345 -1.52 10.39 18.92
N LEU A 346 -2.16 9.35 19.47
CA LEU A 346 -1.41 8.29 20.12
C LEU A 346 -1.51 7.00 19.33
N LEU A 347 -0.40 6.60 18.71
CA LEU A 347 -0.35 5.37 17.92
C LEU A 347 0.44 4.27 18.63
N VAL A 348 0.33 3.04 18.12
CA VAL A 348 1.15 1.94 18.64
C VAL A 348 1.72 1.14 17.51
N ALA A 349 2.74 0.37 17.83
CA ALA A 349 3.40 -0.53 16.86
C ALA A 349 4.11 -1.55 17.68
N THR A 350 3.50 -2.74 17.80
CA THR A 350 3.96 -3.70 18.79
C THR A 350 3.42 -5.06 18.46
N GLY A 351 3.45 -5.96 19.45
CA GLY A 351 2.65 -7.22 19.42
C GLY A 351 3.12 -8.17 18.33
N HIS A 352 4.35 -7.93 17.84
CA HIS A 352 4.97 -8.74 16.75
C HIS A 352 5.48 -10.11 17.21
N SER A 353 5.33 -10.43 18.49
CA SER A 353 5.70 -11.75 19.03
C SER A 353 6.97 -12.36 18.41
N ARG A 354 6.82 -13.40 17.58
CA ARG A 354 7.94 -14.20 17.08
C ARG A 354 8.54 -13.70 15.77
N ILE A 355 8.04 -12.60 15.24
CA ILE A 355 8.31 -12.23 13.87
C ILE A 355 8.59 -10.74 13.65
N GLY A 356 8.85 -10.00 14.73
CA GLY A 356 9.17 -8.59 14.63
C GLY A 356 10.38 -8.23 13.75
N VAL A 357 11.42 -9.07 13.73
CA VAL A 357 12.57 -8.73 12.92
C VAL A 357 12.15 -8.80 11.46
N GLN A 358 11.49 -9.90 11.10
CA GLN A 358 10.93 -10.09 9.78
C GLN A 358 10.00 -8.94 9.41
N LEU A 359 9.07 -8.58 10.30
CA LEU A 359 8.08 -7.52 10.03
C LEU A 359 8.60 -6.12 10.22
N ALA A 360 9.70 -5.95 10.91
CA ALA A 360 10.17 -4.60 11.21
C ALA A 360 10.04 -3.62 10.03
N PRO A 361 10.57 -3.98 8.85
CA PRO A 361 10.52 -3.01 7.76
C PRO A 361 9.13 -2.60 7.28
N ILE A 362 8.27 -3.56 6.99
CA ILE A 362 6.88 -3.19 6.67
C ILE A 362 6.25 -2.39 7.82
N THR A 363 6.56 -2.74 9.06
CA THR A 363 5.98 -2.01 10.17
C THR A 363 6.38 -0.56 10.02
N ALA A 364 7.66 -0.32 9.73
CA ALA A 364 8.17 1.03 9.67
C ALA A 364 7.49 1.83 8.57
N ASP A 365 7.23 1.20 7.42
CA ASP A 365 6.55 1.90 6.32
C ASP A 365 5.14 2.28 6.68
N VAL A 366 4.43 1.28 7.19
CA VAL A 366 3.04 1.43 7.46
C VAL A 366 2.82 2.53 8.48
N MET A 367 3.70 2.59 9.48
CA MET A 367 3.59 3.64 10.50
C MET A 367 4.06 4.98 9.94
N GLY A 368 5.05 4.94 9.06
CA GLY A 368 5.43 6.14 8.32
C GLY A 368 4.25 6.81 7.64
N GLU A 369 3.77 6.18 6.56
CA GLU A 369 2.52 6.54 5.88
C GLU A 369 1.45 7.02 6.84
N MET A 370 1.12 6.20 7.84
CA MET A 370 0.12 6.59 8.82
C MET A 370 0.41 7.97 9.40
N LEU A 371 1.65 8.18 9.85
CA LEU A 371 2.04 9.48 10.41
C LEU A 371 1.88 10.67 9.46
N VAL A 372 2.45 10.54 8.27
CA VAL A 372 2.37 11.60 7.25
C VAL A 372 0.95 11.86 6.71
N THR A 373 0.25 10.80 6.27
CA THR A 373 -1.04 10.94 5.59
C THR A 373 -2.24 10.94 6.51
N GLY A 374 -2.11 10.28 7.65
CA GLY A 374 -3.25 10.13 8.56
C GLY A 374 -4.16 8.98 8.16
N ARG A 375 -3.87 8.32 7.04
CA ARG A 375 -4.67 7.17 6.62
C ARG A 375 -3.89 5.88 6.86
N THR A 376 -4.62 4.77 6.85
CA THR A 376 -4.08 3.46 7.18
C THR A 376 -3.95 2.61 5.93
N PRO A 377 -2.72 2.19 5.60
CA PRO A 377 -2.63 1.41 4.37
C PRO A 377 -3.45 0.11 4.48
N GLU A 378 -4.02 -0.32 3.36
CA GLU A 378 -4.87 -1.49 3.30
C GLU A 378 -4.22 -2.66 4.00
N VAL A 379 -2.94 -2.89 3.67
CA VAL A 379 -2.22 -4.07 4.15
C VAL A 379 -2.15 -4.17 5.68
N ALA A 380 -2.27 -3.03 6.35
CA ALA A 380 -2.24 -2.95 7.81
C ALA A 380 -3.64 -2.91 8.49
N LYS A 381 -4.71 -2.75 7.75
CA LYS A 381 -6.02 -2.52 8.36
C LYS A 381 -6.41 -3.61 9.36
N ALA A 382 -6.13 -4.87 9.04
CA ALA A 382 -6.46 -6.00 9.93
C ALA A 382 -5.82 -5.96 11.32
N PHE A 383 -4.95 -4.99 11.56
CA PHE A 383 -4.16 -4.94 12.81
C PHE A 383 -4.44 -3.70 13.63
N ALA A 384 -5.44 -2.95 13.23
CA ALA A 384 -5.93 -1.85 14.02
C ALA A 384 -6.12 -2.26 15.46
N VAL A 385 -5.91 -1.29 16.34
CA VAL A 385 -6.10 -1.48 17.77
C VAL A 385 -7.59 -1.68 18.10
N ASP A 386 -8.46 -0.94 17.42
CA ASP A 386 -9.88 -0.93 17.73
C ASP A 386 -10.57 -2.29 17.68
N ARG A 387 -9.91 -3.31 17.13
CA ARG A 387 -10.53 -4.63 17.06
C ARG A 387 -10.80 -5.37 18.40
N PHE A 388 -10.67 -4.71 19.56
CA PHE A 388 -10.76 -5.40 20.87
C PHE A 388 -11.88 -4.91 21.81
N HIS B 22 11.47 19.42 -6.35
CA HIS B 22 10.72 20.11 -7.47
C HIS B 22 10.35 19.18 -8.63
N VAL B 23 9.05 18.98 -8.81
CA VAL B 23 8.55 18.17 -9.91
C VAL B 23 7.78 19.02 -10.92
N VAL B 24 8.12 18.85 -12.19
CA VAL B 24 7.38 19.47 -13.29
C VAL B 24 6.36 18.48 -13.83
N VAL B 25 5.08 18.82 -13.69
CA VAL B 25 3.99 18.03 -14.25
C VAL B 25 3.55 18.62 -15.59
N VAL B 26 3.58 17.80 -16.63
CA VAL B 26 3.22 18.24 -18.00
C VAL B 26 1.81 17.73 -18.29
N GLY B 27 0.94 18.62 -18.74
CA GLY B 27 -0.47 18.30 -18.82
C GLY B 27 -1.12 18.48 -17.48
N GLY B 28 -2.26 19.17 -17.49
CA GLY B 28 -3.03 19.48 -16.31
C GLY B 28 -4.50 19.15 -16.49
N GLY B 29 -4.75 17.91 -16.90
CA GLY B 29 -6.10 17.38 -16.84
C GLY B 29 -6.34 16.89 -15.44
N VAL B 30 -7.41 16.15 -15.21
CA VAL B 30 -7.71 15.67 -13.87
C VAL B 30 -6.55 14.85 -13.25
N ILE B 31 -5.86 14.09 -14.07
CA ILE B 31 -4.82 13.17 -13.57
C ILE B 31 -3.64 13.99 -13.10
N GLY B 32 -3.24 14.95 -13.91
CA GLY B 32 -2.05 15.72 -13.60
C GLY B 32 -2.28 16.81 -12.57
N LEU B 33 -3.48 17.37 -12.52
CA LEU B 33 -3.78 18.31 -11.46
C LEU B 33 -3.73 17.56 -10.16
N SER B 34 -4.31 16.36 -10.18
CA SER B 34 -4.42 15.53 -8.97
C SER B 34 -3.05 15.15 -8.46
N VAL B 35 -2.20 14.62 -9.33
CA VAL B 35 -0.81 14.35 -8.98
C VAL B 35 -0.15 15.60 -8.41
N ALA B 36 -0.34 16.74 -9.07
CA ALA B 36 0.31 17.97 -8.66
C ALA B 36 -0.12 18.35 -7.26
N TRP B 37 -1.42 18.23 -7.00
CA TRP B 37 -1.94 18.61 -5.69
C TRP B 37 -1.37 17.75 -4.59
N GLN B 38 -1.41 16.43 -4.79
CA GLN B 38 -0.93 15.51 -3.76
C GLN B 38 0.57 15.62 -3.55
N ALA B 39 1.30 15.89 -4.61
CA ALA B 39 2.72 16.12 -4.50
C ALA B 39 2.97 17.33 -3.62
N LEU B 40 2.20 18.39 -3.85
CA LEU B 40 2.29 19.56 -2.97
C LEU B 40 1.92 19.14 -1.54
N GLU B 41 0.78 18.49 -1.37
CA GLU B 41 0.36 18.04 -0.05
C GLU B 41 1.49 17.34 0.70
N ARG B 42 2.40 16.70 -0.02
CA ARG B 42 3.52 15.98 0.60
C ARG B 42 4.78 16.82 0.59
N GLY B 43 4.65 18.13 0.73
CA GLY B 43 5.81 19.00 0.89
C GLY B 43 6.66 19.31 -0.33
N LEU B 44 6.37 18.70 -1.48
CA LEU B 44 7.15 18.96 -2.68
C LEU B 44 6.79 20.30 -3.33
N ARG B 45 7.69 20.78 -4.18
CA ARG B 45 7.49 22.00 -4.94
C ARG B 45 7.07 21.56 -6.33
N VAL B 46 6.03 22.18 -6.88
CA VAL B 46 5.42 21.72 -8.13
C VAL B 46 5.13 22.84 -9.13
N THR B 47 5.38 22.55 -10.40
CA THR B 47 5.00 23.39 -11.50
C THR B 47 4.17 22.55 -12.48
N VAL B 48 2.99 23.04 -12.85
CA VAL B 48 2.14 22.40 -13.85
C VAL B 48 2.25 23.15 -15.16
N VAL B 49 2.45 22.43 -16.25
CA VAL B 49 2.54 23.05 -17.56
C VAL B 49 1.36 22.60 -18.41
N ASP B 50 0.50 23.53 -18.82
CA ASP B 50 -0.65 23.21 -19.64
C ASP B 50 -1.29 24.49 -20.15
N PRO B 51 -1.20 24.74 -21.47
CA PRO B 51 -1.88 25.90 -22.03
C PRO B 51 -3.37 26.07 -21.67
N GLU B 52 -4.13 24.97 -21.56
CA GLU B 52 -5.57 25.06 -21.25
C GLU B 52 -5.91 23.92 -20.30
N PRO B 53 -5.67 24.13 -19.02
CA PRO B 53 -5.84 23.10 -18.01
C PRO B 53 -7.30 22.62 -17.94
N ALA B 54 -7.50 21.32 -17.74
CA ALA B 54 -8.83 20.74 -17.63
C ALA B 54 -9.77 21.12 -18.77
N SER B 55 -9.25 21.20 -19.99
CA SER B 55 -10.02 21.59 -21.17
C SER B 55 -10.41 20.44 -22.08
N LYS B 56 -9.77 19.30 -21.92
CA LYS B 56 -9.94 18.22 -22.87
C LYS B 56 -10.82 17.13 -22.30
N ALA B 57 -10.35 15.88 -22.33
CA ALA B 57 -11.16 14.77 -21.90
C ALA B 57 -11.74 15.03 -20.51
N SER B 58 -10.95 15.67 -19.64
CA SER B 58 -11.43 15.91 -18.28
C SER B 58 -12.56 16.93 -18.23
N HIS B 59 -12.59 17.85 -19.20
CA HIS B 59 -13.72 18.81 -19.30
C HIS B 59 -15.04 18.17 -19.72
N VAL B 60 -14.93 17.14 -20.55
CA VAL B 60 -16.05 16.50 -21.23
C VAL B 60 -16.64 15.34 -20.41
N SER B 61 -15.77 14.74 -19.61
CA SER B 61 -16.01 13.53 -18.86
C SER B 61 -17.30 13.65 -18.03
N ALA B 62 -17.99 12.54 -17.81
CA ALA B 62 -19.22 12.55 -17.02
C ALA B 62 -18.90 12.44 -15.55
N GLY B 63 -17.77 11.79 -15.25
CA GLY B 63 -17.33 11.66 -13.88
C GLY B 63 -18.15 10.66 -13.08
N MET B 64 -18.64 9.62 -13.74
CA MET B 64 -19.34 8.61 -13.00
C MET B 64 -18.36 7.70 -12.22
N LEU B 65 -18.80 7.29 -11.04
CA LEU B 65 -18.00 6.50 -10.08
C LEU B 65 -18.77 5.30 -9.55
N PRO B 66 -19.13 4.38 -10.42
CA PRO B 66 -19.75 3.17 -9.96
C PRO B 66 -18.65 2.28 -9.40
N ALA B 67 -19.02 1.24 -8.66
CA ALA B 67 -18.02 0.33 -8.09
C ALA B 67 -17.17 -0.34 -9.17
N ALA B 68 -17.77 -0.76 -10.27
CA ALA B 68 -16.99 -1.39 -11.36
C ALA B 68 -17.63 -1.19 -12.74
N ASN B 69 -16.98 -1.76 -13.75
CA ASN B 69 -17.49 -1.80 -15.10
C ASN B 69 -16.87 -2.99 -15.85
N GLU B 70 -17.06 -3.05 -17.16
CA GLU B 70 -16.61 -4.23 -17.93
C GLU B 70 -15.13 -4.55 -17.69
N MET B 71 -14.31 -3.51 -17.69
CA MET B 71 -12.86 -3.64 -17.89
C MET B 71 -12.16 -4.36 -16.73
N GLN B 75 -10.35 -9.16 -15.63
CA GLN B 75 -9.19 -8.35 -15.18
C GLN B 75 -9.21 -7.99 -13.65
N GLU B 76 -8.05 -8.20 -12.99
CA GLU B 76 -7.91 -8.26 -11.51
C GLU B 76 -6.96 -7.24 -10.83
N ASP B 77 -5.83 -6.98 -11.45
CA ASP B 77 -4.93 -5.93 -10.99
C ASP B 77 -5.63 -4.55 -11.02
N LEU B 78 -6.29 -4.27 -12.13
CA LEU B 78 -6.96 -2.99 -12.35
C LEU B 78 -8.11 -2.83 -11.41
N LEU B 79 -8.76 -3.95 -11.09
CA LEU B 79 -9.84 -3.93 -10.13
C LEU B 79 -9.31 -3.42 -8.80
N ARG B 80 -8.16 -3.97 -8.38
CA ARG B 80 -7.57 -3.57 -7.09
C ARG B 80 -7.21 -2.08 -7.10
N LEU B 81 -6.69 -1.58 -8.21
CA LEU B 81 -6.43 -0.15 -8.34
C LEU B 81 -7.71 0.66 -8.17
N CYS B 82 -8.79 0.20 -8.79
CA CYS B 82 -10.04 0.97 -8.76
C CYS B 82 -10.63 1.02 -7.37
N LEU B 83 -10.74 -0.16 -6.75
CA LEU B 83 -11.33 -0.28 -5.41
C LEU B 83 -10.63 0.56 -4.39
N ALA B 84 -9.31 0.66 -4.55
CA ALA B 84 -8.48 1.46 -3.69
C ALA B 84 -8.84 2.92 -3.95
N SER B 85 -8.85 3.31 -5.24
CA SER B 85 -9.26 4.68 -5.55
C SER B 85 -10.65 4.99 -4.96
N ARG B 86 -11.55 4.03 -5.04
CA ARG B 86 -12.89 4.15 -4.49
C ARG B 86 -12.80 4.40 -3.00
N GLU B 87 -11.98 3.60 -2.33
CA GLU B 87 -11.81 3.68 -0.87
C GLU B 87 -11.41 5.10 -0.47
N ARG B 88 -10.51 5.65 -1.27
CA ARG B 88 -9.90 6.95 -1.06
C ARG B 88 -10.76 8.15 -1.46
N TYR B 89 -11.81 7.97 -2.25
CA TYR B 89 -12.49 9.13 -2.83
C TYR B 89 -13.01 10.05 -1.76
N PRO B 90 -13.76 9.51 -0.82
CA PRO B 90 -14.32 10.41 0.20
C PRO B 90 -13.29 11.25 0.95
N SER B 91 -12.16 10.65 1.31
CA SER B 91 -11.12 11.34 2.06
C SER B 91 -10.38 12.34 1.16
N PHE B 92 -10.30 12.02 -0.11
CA PHE B 92 -9.58 12.83 -1.08
C PHE B 92 -10.36 14.09 -1.34
N VAL B 93 -11.66 13.94 -1.51
CA VAL B 93 -12.52 15.09 -1.71
C VAL B 93 -12.50 16.01 -0.50
N LYS B 94 -12.59 15.41 0.68
CA LYS B 94 -12.75 16.20 1.90
C LYS B 94 -11.49 17.01 2.14
N GLU B 95 -10.35 16.34 2.02
CA GLU B 95 -9.05 16.99 2.13
C GLU B 95 -8.96 18.17 1.14
N LEU B 96 -9.47 17.94 -0.07
CA LEU B 96 -9.46 18.95 -1.12
C LEU B 96 -10.39 20.13 -0.85
N GLU B 97 -11.66 19.85 -0.57
CA GLU B 97 -12.62 20.90 -0.31
C GLU B 97 -12.13 21.80 0.82
N ALA B 98 -11.54 21.17 1.85
CA ALA B 98 -10.91 21.91 2.94
C ALA B 98 -9.84 22.89 2.43
N VAL B 99 -8.83 22.37 1.73
CA VAL B 99 -7.75 23.21 1.22
C VAL B 99 -8.24 24.33 0.28
N SER B 100 -9.19 24.00 -0.59
CA SER B 100 -9.60 24.93 -1.64
C SER B 100 -10.77 25.82 -1.21
N GLY B 101 -11.52 25.37 -0.20
CA GLY B 101 -12.73 26.06 0.21
C GLY B 101 -13.71 26.14 -0.94
N THR B 102 -13.59 25.20 -1.88
CA THR B 102 -14.42 25.13 -3.08
C THR B 102 -15.14 23.81 -3.00
N SER B 103 -16.34 23.72 -3.58
CA SER B 103 -16.99 22.41 -3.76
C SER B 103 -16.41 21.64 -4.96
N ALA B 104 -16.32 20.32 -4.80
CA ALA B 104 -15.74 19.45 -5.81
C ALA B 104 -16.78 18.70 -6.58
N GLY B 105 -18.00 18.65 -6.04
CA GLY B 105 -19.14 18.08 -6.75
C GLY B 105 -19.16 16.58 -6.68
N TYR B 106 -18.77 16.04 -5.54
CA TYR B 106 -18.84 14.59 -5.28
C TYR B 106 -20.18 14.28 -4.62
N ARG B 107 -20.96 13.39 -5.23
CA ARG B 107 -22.20 12.90 -4.63
C ARG B 107 -22.16 11.37 -4.44
N ARG B 108 -22.62 10.94 -3.25
CA ARG B 108 -22.54 9.54 -2.84
C ARG B 108 -23.90 8.92 -2.62
N ASP B 109 -24.95 9.46 -3.23
CA ASP B 109 -26.29 8.92 -3.04
C ASP B 109 -26.56 7.65 -3.86
N GLY B 110 -25.52 7.05 -4.42
CA GLY B 110 -25.64 5.73 -5.05
C GLY B 110 -25.56 5.75 -6.55
N VAL B 111 -25.17 4.62 -7.10
CA VAL B 111 -25.31 4.37 -8.52
C VAL B 111 -26.35 3.30 -8.73
N LEU B 112 -27.29 3.55 -9.62
CA LEU B 112 -28.25 2.54 -10.06
C LEU B 112 -27.89 1.88 -11.41
N ASP B 113 -27.58 0.59 -11.42
CA ASP B 113 -27.50 -0.21 -12.66
C ASP B 113 -28.89 -0.81 -12.99
N ALA B 114 -29.40 -0.53 -14.18
CA ALA B 114 -30.70 -1.03 -14.64
C ALA B 114 -30.55 -1.83 -15.94
N ALA B 115 -31.24 -2.97 -16.00
CA ALA B 115 -31.20 -3.90 -17.13
C ALA B 115 -32.57 -3.92 -17.80
N PHE B 116 -32.57 -4.11 -19.12
CA PHE B 116 -33.80 -3.97 -19.90
C PHE B 116 -34.18 -5.19 -20.73
N ASP B 117 -33.35 -6.24 -20.69
CA ASP B 117 -33.67 -7.48 -21.35
C ASP B 117 -32.95 -8.67 -20.68
N ASP B 118 -33.24 -9.88 -21.14
CA ASP B 118 -32.70 -11.10 -20.54
C ASP B 118 -31.20 -11.03 -20.42
N GLU B 119 -30.57 -10.70 -21.54
CA GLU B 119 -29.14 -10.77 -21.70
C GLU B 119 -28.42 -9.83 -20.72
N SER B 120 -29.00 -8.65 -20.49
CA SER B 120 -28.40 -7.66 -19.61
C SER B 120 -28.75 -7.92 -18.15
N LEU B 121 -29.90 -8.56 -17.92
CA LEU B 121 -30.26 -9.02 -16.59
C LEU B 121 -29.35 -10.14 -16.13
N ALA B 122 -28.98 -11.01 -17.07
CA ALA B 122 -27.99 -12.05 -16.84
C ALA B 122 -26.66 -11.45 -16.38
N ALA B 123 -26.21 -10.41 -17.08
CA ALA B 123 -24.94 -9.75 -16.75
C ALA B 123 -24.98 -9.20 -15.33
N LEU B 124 -26.13 -8.66 -14.92
CA LEU B 124 -26.30 -8.11 -13.57
C LEU B 124 -26.17 -9.14 -12.46
N ASP B 125 -26.71 -10.34 -12.68
CA ASP B 125 -26.50 -11.43 -11.72
C ASP B 125 -25.00 -11.72 -11.61
N GLY B 126 -24.33 -11.77 -12.77
CA GLY B 126 -22.88 -11.94 -12.81
C GLY B 126 -22.19 -10.84 -12.02
N LEU B 127 -22.66 -9.61 -12.20
CA LEU B 127 -22.10 -8.47 -11.49
C LEU B 127 -22.29 -8.61 -9.98
N ARG B 128 -23.49 -8.94 -9.52
CA ARG B 128 -23.71 -9.12 -8.09
C ARG B 128 -22.69 -10.11 -7.53
N ASN B 129 -22.53 -11.24 -8.23
CA ASN B 129 -21.64 -12.30 -7.77
C ASN B 129 -20.17 -11.87 -7.76
N PHE B 130 -19.83 -10.93 -8.64
CA PHE B 130 -18.50 -10.34 -8.68
C PHE B 130 -18.24 -9.42 -7.48
N LEU B 131 -19.27 -8.68 -7.06
CA LEU B 131 -19.07 -7.57 -6.13
C LEU B 131 -19.14 -7.91 -4.65
N ALA B 132 -19.95 -8.90 -4.30
CA ALA B 132 -20.12 -9.31 -2.90
C ALA B 132 -18.81 -9.76 -2.23
N PRO B 133 -18.03 -10.66 -2.90
CA PRO B 133 -16.72 -11.04 -2.37
C PRO B 133 -15.88 -9.88 -1.85
N LEU B 134 -16.02 -8.70 -2.45
CA LEU B 134 -15.10 -7.60 -2.20
C LEU B 134 -15.69 -6.55 -1.24
N GLY B 135 -16.77 -6.89 -0.53
CA GLY B 135 -17.30 -5.98 0.51
C GLY B 135 -17.79 -4.65 -0.05
N VAL B 136 -18.31 -4.71 -1.27
CA VAL B 136 -18.97 -3.58 -1.92
C VAL B 136 -20.44 -3.74 -1.68
N ALA B 137 -21.05 -2.69 -1.13
CA ALA B 137 -22.48 -2.71 -0.89
C ALA B 137 -23.22 -2.74 -2.21
N VAL B 138 -24.00 -3.81 -2.38
CA VAL B 138 -24.85 -4.01 -3.53
C VAL B 138 -26.21 -4.46 -3.02
N ALA B 139 -27.28 -4.06 -3.72
CA ALA B 139 -28.63 -4.44 -3.35
C ALA B 139 -29.40 -4.76 -4.63
N PRO B 140 -29.67 -6.06 -4.89
CA PRO B 140 -30.41 -6.41 -6.11
C PRO B 140 -31.85 -5.92 -6.02
N LEU B 141 -32.39 -5.49 -7.15
CA LEU B 141 -33.73 -4.94 -7.24
C LEU B 141 -34.48 -5.61 -8.37
N ASN B 142 -35.70 -6.05 -8.09
CA ASN B 142 -36.58 -6.55 -9.12
C ASN B 142 -37.16 -5.35 -9.86
N ALA B 143 -37.71 -5.61 -11.03
CA ALA B 143 -38.35 -4.58 -11.85
C ALA B 143 -39.16 -3.61 -10.98
N ARG B 144 -40.06 -4.14 -10.15
CA ARG B 144 -40.90 -3.29 -9.32
C ARG B 144 -40.03 -2.26 -8.64
N ARG B 145 -38.98 -2.74 -7.98
CA ARG B 145 -38.19 -1.88 -7.11
C ARG B 145 -37.26 -0.94 -7.90
N CYS B 146 -36.79 -1.38 -9.07
CA CYS B 146 -36.12 -0.48 -10.02
C CYS B 146 -37.00 0.77 -10.28
N ARG B 147 -38.26 0.56 -10.60
CA ARG B 147 -39.17 1.67 -10.87
C ARG B 147 -39.46 2.52 -9.63
N GLU B 148 -39.31 1.97 -8.43
CA GLU B 148 -39.60 2.73 -7.22
C GLU B 148 -38.43 3.65 -6.89
N HIS B 149 -37.23 3.15 -7.17
CA HIS B 149 -36.00 3.95 -7.01
C HIS B 149 -35.86 5.05 -8.06
N GLU B 150 -36.22 4.72 -9.30
CA GLU B 150 -36.30 5.71 -10.36
C GLU B 150 -37.63 5.65 -11.11
N PRO B 151 -38.61 6.44 -10.68
CA PRO B 151 -39.89 6.55 -11.37
C PRO B 151 -39.79 6.82 -12.85
N MET B 152 -38.74 7.49 -13.31
CA MET B 152 -38.63 7.89 -14.72
C MET B 152 -38.16 6.79 -15.66
N LEU B 153 -37.82 5.60 -15.14
CA LEU B 153 -37.41 4.50 -16.00
C LEU B 153 -38.57 4.02 -16.86
N ALA B 154 -38.23 3.42 -18.00
CA ALA B 154 -39.22 2.84 -18.88
C ALA B 154 -39.79 1.57 -18.25
N GLU B 155 -41.06 1.28 -18.50
CA GLU B 155 -41.71 0.10 -17.90
C GLU B 155 -41.04 -1.20 -18.32
N SER B 156 -40.40 -1.22 -19.49
CA SER B 156 -39.69 -2.41 -19.97
C SER B 156 -38.50 -2.83 -19.10
N VAL B 157 -38.22 -2.08 -18.03
CA VAL B 157 -37.10 -2.41 -17.15
C VAL B 157 -37.35 -3.75 -16.48
N ARG B 158 -36.27 -4.52 -16.35
CA ARG B 158 -36.37 -5.92 -15.95
C ARG B 158 -35.81 -6.20 -14.56
N GLY B 159 -34.66 -5.60 -14.26
CA GLY B 159 -34.01 -5.76 -12.96
C GLY B 159 -32.92 -4.72 -12.80
N GLY B 160 -32.32 -4.67 -11.63
CA GLY B 160 -31.23 -3.74 -11.38
C GLY B 160 -30.50 -3.92 -10.06
N LEU B 161 -29.26 -3.46 -9.99
CA LEU B 161 -28.47 -3.41 -8.76
C LEU B 161 -28.28 -2.00 -8.30
N LEU B 162 -28.46 -1.75 -7.01
CA LEU B 162 -28.14 -0.46 -6.42
C LEU B 162 -26.83 -0.61 -5.65
N GLY B 163 -25.91 0.33 -5.85
CA GLY B 163 -24.63 0.36 -5.13
C GLY B 163 -24.55 1.64 -4.33
N PRO B 164 -25.22 1.69 -3.18
CA PRO B 164 -25.51 2.95 -2.48
C PRO B 164 -24.29 3.74 -2.04
N ASP B 165 -23.16 3.07 -1.83
CA ASP B 165 -21.95 3.78 -1.45
C ASP B 165 -21.19 4.37 -2.65
N ASP B 166 -21.60 4.03 -3.88
CA ASP B 166 -21.01 4.60 -5.08
C ASP B 166 -21.70 5.88 -5.48
N GLY B 167 -21.20 6.53 -6.52
CA GLY B 167 -21.86 7.74 -7.02
C GLY B 167 -21.24 8.39 -8.25
N ALA B 168 -21.03 9.69 -8.16
CA ALA B 168 -20.44 10.44 -9.27
C ALA B 168 -19.85 11.73 -8.78
N VAL B 169 -18.94 12.27 -9.58
CA VAL B 169 -18.36 13.58 -9.29
C VAL B 169 -18.52 14.42 -10.54
N ASN B 170 -18.66 15.72 -10.37
CA ASN B 170 -18.56 16.63 -11.50
C ASN B 170 -17.11 17.01 -11.79
N PRO B 171 -16.50 16.45 -12.84
CA PRO B 171 -15.08 16.74 -13.10
C PRO B 171 -14.75 18.19 -13.31
N ARG B 172 -15.72 18.98 -13.79
CA ARG B 172 -15.51 20.42 -13.96
C ARG B 172 -15.33 21.07 -12.60
N GLU B 173 -16.17 20.72 -11.64
CA GLU B 173 -16.03 21.23 -10.28
C GLU B 173 -14.80 20.64 -9.58
N LEU B 174 -14.48 19.37 -9.84
CA LEU B 174 -13.34 18.72 -9.23
C LEU B 174 -12.01 19.37 -9.71
N THR B 175 -11.89 19.60 -11.01
CA THR B 175 -10.65 20.14 -11.55
C THR B 175 -10.45 21.61 -11.13
N ALA B 176 -11.56 22.34 -11.00
CA ALA B 176 -11.53 23.69 -10.48
C ALA B 176 -10.99 23.71 -9.04
N ALA B 177 -11.58 22.92 -8.17
CA ALA B 177 -11.05 22.76 -6.83
C ALA B 177 -9.54 22.42 -6.81
N LEU B 178 -9.13 21.47 -7.66
CA LEU B 178 -7.74 21.05 -7.69
C LEU B 178 -6.85 22.24 -8.01
N LEU B 179 -7.25 23.03 -9.00
CA LEU B 179 -6.56 24.28 -9.31
C LEU B 179 -6.46 25.24 -8.13
N ALA B 180 -7.58 25.48 -7.47
CA ALA B 180 -7.63 26.38 -6.34
C ALA B 180 -6.69 25.87 -5.25
N ALA B 181 -6.70 24.56 -5.03
CA ALA B 181 -5.88 23.97 -4.00
C ALA B 181 -4.39 24.09 -4.34
N ILE B 182 -4.08 23.76 -5.57
CA ILE B 182 -2.71 23.86 -6.07
C ILE B 182 -2.17 25.28 -5.89
N ASP B 183 -3.04 26.25 -6.17
CA ASP B 183 -2.66 27.66 -6.02
C ASP B 183 -2.44 27.93 -4.53
N VAL B 184 -3.45 27.65 -3.70
CA VAL B 184 -3.37 27.83 -2.25
C VAL B 184 -2.08 27.27 -1.64
N ARG B 185 -1.62 26.12 -2.11
CA ARG B 185 -0.36 25.53 -1.62
C ARG B 185 0.87 26.07 -2.36
N GLY B 186 0.66 26.99 -3.28
CA GLY B 186 1.77 27.69 -3.92
C GLY B 186 2.48 26.95 -5.02
N GLY B 187 1.79 26.01 -5.67
CA GLY B 187 2.30 25.43 -6.90
C GLY B 187 2.17 26.46 -8.00
N THR B 188 3.01 26.36 -9.01
CA THR B 188 3.01 27.26 -10.14
C THR B 188 2.16 26.64 -11.27
N LEU B 189 1.43 27.47 -12.02
CA LEU B 189 0.78 27.02 -13.26
C LEU B 189 1.28 27.82 -14.46
N ILE B 190 1.94 27.15 -15.40
CA ILE B 190 2.39 27.80 -16.63
C ILE B 190 1.48 27.43 -17.80
N ARG B 191 0.65 28.39 -18.21
CA ARG B 191 -0.31 28.17 -19.27
C ARG B 191 0.38 28.28 -20.63
N ARG B 192 1.26 27.32 -20.91
CA ARG B 192 1.92 27.24 -22.21
C ARG B 192 2.11 25.80 -22.61
N ARG B 193 2.12 25.55 -23.91
CA ARG B 193 2.44 24.23 -24.45
C ARG B 193 3.91 23.87 -24.20
N ALA B 194 4.16 22.65 -23.74
CA ALA B 194 5.50 22.10 -23.70
C ALA B 194 5.77 21.57 -25.10
N THR B 195 6.81 22.12 -25.74
CA THR B 195 7.10 21.83 -27.15
C THR B 195 8.16 20.76 -27.30
N GLU B 196 8.91 20.50 -26.23
CA GLU B 196 10.04 19.60 -26.30
C GLU B 196 10.47 19.12 -24.92
N PHE B 197 10.90 17.87 -24.84
CA PHE B 197 11.54 17.34 -23.64
C PHE B 197 13.03 17.64 -23.66
N LEU B 198 13.57 18.05 -22.50
CA LEU B 198 15.01 18.30 -22.36
C LEU B 198 15.73 17.28 -21.46
N ALA B 199 16.90 16.77 -21.87
CA ALA B 199 17.79 16.02 -20.94
C ALA B 199 18.33 16.93 -19.81
N THR B 203 19.60 17.22 -14.73
CA THR B 203 18.18 17.17 -14.39
C THR B 203 17.28 17.34 -15.63
N PRO B 204 16.08 16.76 -15.58
CA PRO B 204 15.17 16.88 -16.71
C PRO B 204 14.37 18.17 -16.71
N GLY B 205 13.79 18.48 -17.86
CA GLY B 205 12.98 19.68 -18.05
C GLY B 205 12.21 19.68 -19.37
N VAL B 206 11.45 20.74 -19.60
CA VAL B 206 10.72 20.91 -20.86
C VAL B 206 10.96 22.31 -21.41
N LEU B 207 10.93 22.40 -22.72
CA LEU B 207 10.98 23.67 -23.42
C LEU B 207 9.54 24.04 -23.73
N LEU B 208 9.23 25.33 -23.69
CA LEU B 208 7.89 25.82 -23.92
C LEU B 208 7.81 26.53 -25.26
N GLU B 209 6.59 26.62 -25.79
CA GLU B 209 6.37 27.24 -27.10
C GLU B 209 6.99 28.63 -27.22
N ASN B 210 7.05 29.38 -26.12
CA ASN B 210 7.63 30.73 -26.16
C ASN B 210 9.16 30.79 -26.00
N GLY B 211 9.84 29.67 -26.16
CA GLY B 211 11.30 29.61 -26.04
C GLY B 211 11.88 29.40 -24.63
N CYS B 212 11.12 29.73 -23.59
CA CYS B 212 11.60 29.56 -22.20
C CYS B 212 11.67 28.09 -21.80
N ALA B 213 12.45 27.79 -20.76
CA ALA B 213 12.64 26.42 -20.31
C ALA B 213 12.20 26.27 -18.86
N VAL B 214 11.75 25.06 -18.52
CA VAL B 214 11.52 24.69 -17.14
C VAL B 214 12.16 23.35 -16.84
N HIS B 215 13.09 23.34 -15.89
CA HIS B 215 13.65 22.09 -15.40
C HIS B 215 13.17 21.84 -13.99
N GLY B 216 13.31 20.60 -13.58
CA GLY B 216 12.91 20.16 -12.25
C GLY B 216 13.67 18.89 -11.92
N ASP B 217 13.59 18.48 -10.66
CA ASP B 217 14.34 17.32 -10.22
C ASP B 217 13.68 16.05 -10.77
N ARG B 218 12.36 16.13 -11.00
CA ARG B 218 11.59 15.06 -11.65
C ARG B 218 10.63 15.66 -12.69
N VAL B 219 10.47 15.01 -13.83
CA VAL B 219 9.37 15.35 -14.74
C VAL B 219 8.33 14.22 -14.75
N VAL B 220 7.06 14.60 -14.62
CA VAL B 220 5.96 13.66 -14.77
C VAL B 220 5.14 14.06 -15.97
N LEU B 221 4.98 13.14 -16.93
CA LEU B 221 4.16 13.39 -18.10
C LEU B 221 2.73 12.90 -17.86
N SER B 222 1.78 13.80 -18.00
CA SER B 222 0.36 13.45 -17.84
C SER B 222 -0.49 14.30 -18.80
N ALA B 223 -0.28 14.06 -20.08
CA ALA B 223 -0.85 14.91 -21.10
C ALA B 223 -1.82 14.13 -21.95
N GLY B 224 -2.49 13.16 -21.34
CA GLY B 224 -3.51 12.41 -22.07
C GLY B 224 -2.93 11.83 -23.36
N CYS B 225 -3.73 11.88 -24.43
CA CYS B 225 -3.37 11.29 -25.69
C CYS B 225 -2.29 12.08 -26.44
N TRP B 226 -1.79 13.13 -25.80
CA TRP B 226 -0.68 13.88 -26.36
C TRP B 226 0.62 13.52 -25.68
N THR B 227 0.54 12.81 -24.57
CA THR B 227 1.72 12.43 -23.79
C THR B 227 2.85 11.92 -24.70
N HIS B 228 2.55 10.93 -25.51
CA HIS B 228 3.60 10.30 -26.28
C HIS B 228 4.15 11.19 -27.38
N ARG B 229 3.40 12.23 -27.74
CA ARG B 229 3.72 13.04 -28.89
C ARG B 229 4.75 14.13 -28.67
N LEU B 230 5.14 14.34 -27.42
CA LEU B 230 6.06 15.41 -27.12
C LEU B 230 7.43 15.14 -27.76
N ALA B 231 7.93 16.08 -28.56
CA ALA B 231 9.21 15.92 -29.25
C ALA B 231 10.38 15.93 -28.26
N GLY B 232 11.40 15.11 -28.56
CA GLY B 232 12.58 15.01 -27.72
C GLY B 232 12.59 13.78 -26.85
N LEU B 233 11.48 13.04 -26.85
CA LEU B 233 11.38 11.84 -26.03
C LEU B 233 12.17 10.72 -26.67
N PRO B 234 13.08 10.12 -25.90
CA PRO B 234 13.78 8.99 -26.45
C PRO B 234 12.83 7.91 -26.90
N ALA B 235 13.00 7.44 -28.13
CA ALA B 235 12.26 6.31 -28.67
C ALA B 235 12.01 5.23 -27.60
N GLY B 236 10.77 4.72 -27.58
CA GLY B 236 10.37 3.68 -26.62
C GLY B 236 10.19 4.10 -25.18
N ALA B 237 10.58 5.34 -24.83
CA ALA B 237 10.47 5.81 -23.43
C ALA B 237 9.03 5.78 -22.96
N VAL B 238 8.14 6.33 -23.76
CA VAL B 238 6.72 6.36 -23.47
C VAL B 238 5.98 5.58 -24.52
N PRO B 239 5.04 4.71 -24.11
CA PRO B 239 4.22 3.99 -25.08
C PRO B 239 3.17 4.90 -25.69
N GLU B 240 2.50 4.41 -26.72
CA GLU B 240 1.48 5.18 -27.44
C GLU B 240 0.18 5.28 -26.62
N ILE B 241 -0.27 6.51 -26.39
CA ILE B 241 -1.47 6.78 -25.64
C ILE B 241 -2.55 7.20 -26.63
N ALA B 242 -3.16 6.20 -27.27
CA ALA B 242 -3.97 6.43 -28.45
C ALA B 242 -5.29 7.04 -28.07
N PRO B 243 -5.69 8.12 -28.77
CA PRO B 243 -6.95 8.76 -28.51
C PRO B 243 -8.11 7.85 -28.82
N ALA B 244 -9.11 7.84 -27.92
CA ALA B 244 -10.36 7.15 -28.17
C ALA B 244 -11.52 8.11 -27.95
N LYS B 245 -12.08 8.57 -29.06
CA LYS B 245 -13.02 9.66 -29.05
C LYS B 245 -14.35 9.29 -28.33
N GLY B 246 -14.93 10.27 -27.70
CA GLY B 246 -16.19 10.05 -27.01
C GLY B 246 -17.01 11.30 -27.13
N GLN B 247 -18.17 11.16 -27.75
CA GLN B 247 -19.15 12.21 -27.77
C GLN B 247 -20.01 12.01 -26.54
N ILE B 248 -20.55 13.12 -26.05
CA ILE B 248 -21.28 13.11 -24.78
C ILE B 248 -22.21 14.30 -24.78
N LEU B 249 -23.40 14.15 -24.22
CA LEU B 249 -24.28 15.29 -24.17
C LEU B 249 -24.79 15.62 -22.79
N ARG B 250 -25.38 16.80 -22.67
CA ARG B 250 -25.89 17.26 -21.40
C ARG B 250 -27.26 17.83 -21.65
N LEU B 251 -28.26 17.26 -20.96
CA LEU B 251 -29.61 17.76 -21.03
C LEU B 251 -29.82 18.61 -19.80
N ARG B 252 -30.92 19.33 -19.75
CA ARG B 252 -31.16 20.13 -18.55
C ARG B 252 -32.65 20.36 -18.28
N SER B 253 -32.96 20.46 -16.99
CA SER B 253 -34.29 20.80 -16.49
C SER B 253 -34.10 21.72 -15.29
N ALA B 254 -35.14 22.45 -14.90
CA ALA B 254 -35.04 23.36 -13.78
C ALA B 254 -34.64 22.63 -12.48
N ALA B 255 -35.35 21.55 -12.16
CA ALA B 255 -35.00 20.70 -11.02
C ALA B 255 -34.60 19.32 -11.56
N PRO B 256 -33.67 18.64 -10.88
CA PRO B 256 -33.25 17.32 -11.34
C PRO B 256 -34.41 16.39 -11.74
N PHE B 257 -34.16 15.66 -12.82
CA PHE B 257 -35.14 14.79 -13.43
C PHE B 257 -34.92 13.35 -12.94
N LEU B 258 -33.66 13.02 -12.72
CA LEU B 258 -33.22 11.70 -12.34
C LEU B 258 -32.68 11.74 -10.92
N ARG B 259 -32.96 10.70 -10.13
CA ARG B 259 -32.66 10.70 -8.71
C ARG B 259 -31.19 10.50 -8.43
N ARG B 260 -30.53 9.71 -9.25
CA ARG B 260 -29.12 9.40 -9.02
C ARG B 260 -28.40 8.87 -10.25
N ALA B 261 -27.08 8.87 -10.17
CA ALA B 261 -26.24 8.30 -11.22
C ALA B 261 -26.83 6.97 -11.63
N THR B 262 -27.11 6.83 -12.93
CA THR B 262 -27.84 5.69 -13.43
C THR B 262 -27.18 5.16 -14.69
N ARG B 263 -26.95 3.86 -14.73
CA ARG B 263 -26.35 3.20 -15.86
C ARG B 263 -27.31 2.15 -16.41
N ALA B 264 -27.70 2.26 -17.68
CA ALA B 264 -28.74 1.40 -18.23
C ALA B 264 -28.26 0.59 -19.42
N VAL B 265 -28.54 -0.71 -19.42
CA VAL B 265 -27.96 -1.61 -20.42
C VAL B 265 -29.00 -2.42 -21.19
N THR B 266 -28.73 -2.58 -22.51
CA THR B 266 -29.25 -3.69 -23.35
C THR B 266 -28.15 -4.73 -23.65
N GLY B 270 -25.25 -0.17 -23.92
CA GLY B 270 -25.58 0.67 -22.76
C GLY B 270 -25.37 2.19 -22.89
N VAL B 271 -25.78 2.91 -21.84
CA VAL B 271 -25.74 4.37 -21.75
C VAL B 271 -25.70 4.73 -20.26
N TYR B 272 -24.99 5.79 -19.89
CA TYR B 272 -25.06 6.25 -18.49
C TYR B 272 -25.56 7.67 -18.40
N LEU B 273 -26.07 8.01 -17.23
CA LEU B 273 -26.92 9.16 -17.06
C LEU B 273 -26.61 9.76 -15.70
N VAL B 274 -25.87 10.85 -15.67
CA VAL B 274 -25.38 11.36 -14.41
C VAL B 274 -26.04 12.69 -14.11
N PRO B 275 -26.93 12.74 -13.09
CA PRO B 275 -27.56 13.98 -12.70
C PRO B 275 -26.66 14.82 -11.83
N ARG B 276 -26.72 16.11 -12.04
CA ARG B 276 -26.07 17.04 -11.19
C ARG B 276 -27.14 17.69 -10.38
N THR B 277 -26.71 18.26 -9.27
CA THR B 277 -27.55 18.93 -8.31
C THR B 277 -28.40 20.06 -8.96
N ASP B 278 -27.83 20.73 -9.96
CA ASP B 278 -28.43 21.93 -10.57
C ASP B 278 -29.35 21.70 -11.79
N GLY B 279 -29.67 20.46 -12.12
CA GLY B 279 -30.51 20.18 -13.28
C GLY B 279 -29.79 19.60 -14.48
N GLU B 280 -28.48 19.82 -14.57
CA GLU B 280 -27.66 19.23 -15.63
C GLU B 280 -27.90 17.73 -15.55
N LEU B 281 -27.93 17.08 -16.73
CA LEU B 281 -28.04 15.63 -16.82
C LEU B 281 -27.15 15.12 -17.92
N VAL B 282 -26.06 14.48 -17.53
CA VAL B 282 -25.05 14.05 -18.50
C VAL B 282 -25.46 12.73 -19.11
N VAL B 283 -25.27 12.60 -20.42
CA VAL B 283 -25.64 11.39 -21.11
C VAL B 283 -24.47 10.92 -21.96
N GLY B 284 -23.83 9.84 -21.56
CA GLY B 284 -22.69 9.33 -22.30
C GLY B 284 -22.86 7.86 -22.57
N ALA B 285 -22.12 7.27 -23.51
CA ALA B 285 -21.13 7.96 -24.32
C ALA B 285 -20.81 7.13 -25.54
N THR B 286 -20.46 7.77 -26.65
CA THR B 286 -19.93 7.00 -27.75
C THR B 286 -18.50 6.61 -27.46
N TYR B 287 -18.14 5.41 -27.92
N TYR B 287 -18.14 5.41 -27.89
CA TYR B 287 -16.76 4.95 -27.92
CA TYR B 287 -16.78 4.94 -27.85
C TYR B 287 -16.44 4.75 -29.37
C TYR B 287 -16.46 4.77 -29.34
N GLU B 288 -15.51 5.55 -29.88
CA GLU B 288 -15.17 5.55 -31.31
C GLU B 288 -13.68 5.62 -31.51
N GLU B 289 -13.22 5.19 -32.69
CA GLU B 289 -11.82 5.22 -33.04
C GLU B 289 -11.63 6.18 -34.21
N ARG B 290 -11.37 7.45 -33.91
CA ARG B 290 -11.25 8.48 -34.93
C ARG B 290 -10.05 9.36 -34.75
N ASP B 291 -8.98 8.83 -34.22
CA ASP B 291 -7.81 9.63 -33.95
C ASP B 291 -8.17 10.83 -33.07
N TYR B 292 -7.62 12.00 -33.42
CA TYR B 292 -7.74 13.14 -32.54
C TYR B 292 -8.98 13.96 -32.82
N ASP B 293 -9.86 13.48 -33.70
CA ASP B 293 -11.03 14.23 -34.08
C ASP B 293 -12.03 14.33 -32.92
N THR B 294 -12.55 15.54 -32.71
CA THR B 294 -13.54 15.77 -31.65
C THR B 294 -14.73 16.50 -32.21
N THR B 295 -15.14 16.12 -33.42
CA THR B 295 -16.33 16.68 -34.06
C THR B 295 -17.57 16.00 -33.48
N VAL B 296 -18.59 16.79 -33.21
CA VAL B 296 -19.84 16.26 -32.70
C VAL B 296 -20.60 15.92 -33.93
N THR B 297 -21.17 14.71 -34.02
CA THR B 297 -21.74 14.25 -35.28
C THR B 297 -23.19 13.89 -35.15
N ALA B 298 -23.92 14.08 -36.24
CA ALA B 298 -25.29 13.68 -36.30
C ALA B 298 -25.41 12.24 -35.80
N GLY B 299 -24.53 11.39 -36.31
CA GLY B 299 -24.45 10.01 -35.90
C GLY B 299 -24.25 9.83 -34.40
N GLY B 300 -23.25 10.49 -33.84
CA GLY B 300 -23.02 10.40 -32.39
C GLY B 300 -24.21 10.86 -31.56
N VAL B 301 -24.70 12.05 -31.83
CA VAL B 301 -25.74 12.63 -31.02
C VAL B 301 -26.99 11.81 -31.13
N ALA B 302 -27.27 11.28 -32.32
CA ALA B 302 -28.48 10.47 -32.50
C ALA B 302 -28.42 9.17 -31.67
N GLU B 303 -27.28 8.49 -31.72
CA GLU B 303 -27.03 7.32 -30.91
C GLU B 303 -27.31 7.57 -29.43
N LEU B 304 -26.77 8.66 -28.89
CA LEU B 304 -26.96 8.96 -27.48
C LEU B 304 -28.41 9.29 -27.21
N LEU B 305 -28.99 10.15 -28.02
CA LEU B 305 -30.37 10.54 -27.83
C LEU B 305 -31.31 9.34 -27.87
N GLY B 306 -31.09 8.45 -28.84
CA GLY B 306 -31.87 7.22 -28.95
C GLY B 306 -31.81 6.38 -27.66
N LYS B 307 -30.59 6.12 -27.21
CA LYS B 307 -30.38 5.35 -25.99
C LYS B 307 -31.13 5.93 -24.81
N VAL B 308 -30.99 7.23 -24.58
CA VAL B 308 -31.55 7.83 -23.38
C VAL B 308 -33.08 7.93 -23.43
N LEU B 309 -33.61 8.22 -24.61
CA LEU B 309 -35.03 8.31 -24.79
C LEU B 309 -35.67 6.92 -24.65
N ALA B 310 -34.95 5.89 -25.12
CA ALA B 310 -35.36 4.49 -24.92
C ALA B 310 -35.60 4.14 -23.48
N VAL B 311 -34.69 4.56 -22.59
CA VAL B 311 -34.77 4.17 -21.20
C VAL B 311 -35.35 5.25 -20.31
N LEU B 312 -35.55 6.47 -20.82
CA LEU B 312 -36.16 7.55 -20.05
C LEU B 312 -37.11 8.33 -20.93
N PRO B 313 -38.27 7.74 -21.24
CA PRO B 313 -39.15 8.33 -22.25
C PRO B 313 -39.57 9.75 -21.96
N GLY B 314 -39.68 10.11 -20.70
CA GLY B 314 -40.03 11.49 -20.32
C GLY B 314 -38.95 12.49 -20.66
N ALA B 315 -37.73 12.02 -20.86
CA ALA B 315 -36.62 12.92 -21.22
C ALA B 315 -36.78 13.62 -22.59
N ALA B 316 -37.78 13.22 -23.36
CA ALA B 316 -38.12 13.90 -24.61
C ALA B 316 -38.12 15.42 -24.52
N GLU B 317 -38.78 15.97 -23.50
CA GLU B 317 -38.88 17.44 -23.34
C GLU B 317 -37.71 18.09 -22.63
N LEU B 318 -36.78 17.32 -22.12
CA LEU B 318 -35.61 17.97 -21.53
C LEU B 318 -34.82 18.80 -22.56
N GLU B 319 -34.39 19.98 -22.15
CA GLU B 319 -33.58 20.84 -23.00
C GLU B 319 -32.24 20.16 -23.36
N LEU B 320 -31.84 20.26 -24.62
CA LEU B 320 -30.52 19.79 -25.03
C LEU B 320 -29.55 20.94 -24.90
N ALA B 321 -28.81 20.96 -23.80
CA ALA B 321 -28.04 22.13 -23.46
C ALA B 321 -26.63 22.11 -24.05
N GLU B 322 -26.07 20.93 -24.24
CA GLU B 322 -24.71 20.87 -24.68
C GLU B 322 -24.43 19.56 -25.38
N THR B 323 -23.65 19.64 -26.45
CA THR B 323 -23.08 18.49 -27.08
C THR B 323 -21.58 18.69 -27.16
N ALA B 324 -20.80 17.64 -26.93
CA ALA B 324 -19.38 17.81 -26.81
C ALA B 324 -18.68 16.51 -27.12
N ALA B 325 -17.35 16.54 -27.14
CA ALA B 325 -16.60 15.41 -27.58
C ALA B 325 -15.17 15.45 -27.06
N GLY B 326 -14.75 14.40 -26.39
CA GLY B 326 -13.38 14.32 -25.85
C GLY B 326 -12.62 13.10 -26.32
N LEU B 327 -11.30 13.12 -26.09
CA LEU B 327 -10.42 12.02 -26.44
C LEU B 327 -9.90 11.31 -25.20
N ARG B 328 -10.28 10.05 -25.01
CA ARG B 328 -9.81 9.26 -23.88
C ARG B 328 -8.37 8.83 -24.09
N PRO B 329 -7.54 8.92 -23.04
CA PRO B 329 -6.15 8.47 -23.21
C PRO B 329 -6.01 6.94 -23.11
N GLY B 330 -5.64 6.28 -24.21
CA GLY B 330 -5.49 4.82 -24.22
C GLY B 330 -4.07 4.33 -23.97
N SER B 331 -3.85 3.03 -24.13
CA SER B 331 -2.53 2.45 -24.13
C SER B 331 -2.55 1.14 -24.91
N PRO B 332 -1.37 0.65 -25.32
CA PRO B 332 -1.35 -0.54 -26.18
C PRO B 332 -2.17 -1.74 -25.68
N ASP B 333 -2.25 -1.93 -24.36
CA ASP B 333 -3.07 -2.98 -23.78
C ASP B 333 -4.29 -2.48 -23.00
N GLY B 334 -4.62 -1.20 -23.14
CA GLY B 334 -5.80 -0.61 -22.48
C GLY B 334 -5.76 -0.51 -20.96
N LEU B 335 -4.55 -0.52 -20.39
CA LEU B 335 -4.36 -0.36 -18.95
C LEU B 335 -3.54 0.88 -18.74
N PRO B 336 -3.67 1.50 -17.55
CA PRO B 336 -2.94 2.69 -17.21
C PRO B 336 -1.47 2.50 -17.26
N VAL B 337 -0.76 3.62 -17.45
CA VAL B 337 0.68 3.63 -17.56
C VAL B 337 1.22 4.59 -16.51
N LEU B 338 1.70 4.02 -15.39
CA LEU B 338 2.21 4.78 -14.23
C LEU B 338 3.64 4.35 -13.89
N GLY B 339 4.46 5.30 -13.43
CA GLY B 339 5.80 4.96 -12.94
C GLY B 339 6.98 5.59 -13.67
N TRP B 340 8.18 5.02 -13.47
CA TRP B 340 9.39 5.53 -14.12
C TRP B 340 9.50 5.03 -15.53
N THR B 341 10.04 5.86 -16.38
CA THR B 341 10.46 5.44 -17.69
C THR B 341 11.91 4.98 -17.62
N ALA B 342 12.39 4.42 -18.72
CA ALA B 342 13.80 4.12 -18.91
C ALA B 342 14.65 5.37 -18.76
N VAL B 343 14.07 6.55 -18.99
CA VAL B 343 14.78 7.82 -18.85
C VAL B 343 14.75 8.23 -17.37
N PRO B 344 15.90 8.69 -16.84
CA PRO B 344 16.00 8.89 -15.42
C PRO B 344 15.27 10.15 -14.99
N ASN B 345 14.61 10.07 -13.84
CA ASN B 345 13.78 11.15 -13.34
C ASN B 345 12.60 11.53 -14.23
N LEU B 346 12.26 10.70 -15.21
CA LEU B 346 11.11 10.95 -16.06
C LEU B 346 10.04 9.93 -15.81
N LEU B 347 8.96 10.36 -15.18
CA LEU B 347 7.82 9.48 -14.88
C LEU B 347 6.62 9.79 -15.78
N VAL B 348 5.64 8.88 -15.77
CA VAL B 348 4.38 9.11 -16.49
C VAL B 348 3.20 8.72 -15.62
N ALA B 349 2.04 9.24 -15.99
CA ALA B 349 0.79 8.96 -15.28
C ALA B 349 -0.31 9.28 -16.27
N THR B 350 -0.85 8.24 -16.90
CA THR B 350 -1.67 8.42 -18.10
C THR B 350 -2.26 7.07 -18.56
N GLY B 351 -2.99 7.08 -19.66
CA GLY B 351 -3.55 5.83 -20.17
C GLY B 351 -4.76 5.31 -19.38
N HIS B 352 -5.41 6.20 -18.63
CA HIS B 352 -6.57 5.87 -17.83
C HIS B 352 -7.86 5.72 -18.64
N SER B 353 -7.79 5.91 -19.96
CA SER B 353 -8.95 5.72 -20.84
C SER B 353 -10.31 6.17 -20.25
N ARG B 354 -11.17 5.22 -19.90
CA ARG B 354 -12.55 5.52 -19.52
C ARG B 354 -12.75 5.83 -18.05
N ILE B 355 -11.68 5.79 -17.26
CA ILE B 355 -11.82 5.69 -15.79
C ILE B 355 -10.90 6.60 -15.01
N GLY B 356 -10.28 7.56 -15.69
CA GLY B 356 -9.35 8.50 -15.08
C GLY B 356 -9.93 9.32 -13.93
N VAL B 357 -11.22 9.67 -14.00
CA VAL B 357 -11.80 10.46 -12.94
C VAL B 357 -11.83 9.56 -11.70
N GLN B 358 -12.35 8.35 -11.90
CA GLN B 358 -12.42 7.32 -10.86
C GLN B 358 -11.04 7.06 -10.26
N LEU B 359 -10.05 6.86 -11.11
CA LEU B 359 -8.70 6.53 -10.66
C LEU B 359 -7.88 7.72 -10.21
N ALA B 360 -8.30 8.93 -10.55
CA ALA B 360 -7.47 10.09 -10.29
C ALA B 360 -6.84 10.07 -8.90
N PRO B 361 -7.63 9.82 -7.85
CA PRO B 361 -7.06 9.91 -6.51
C PRO B 361 -5.96 8.90 -6.21
N ILE B 362 -6.22 7.62 -6.45
CA ILE B 362 -5.18 6.65 -6.25
C ILE B 362 -3.98 7.00 -7.12
N THR B 363 -4.22 7.47 -8.33
CA THR B 363 -3.11 7.78 -9.19
C THR B 363 -2.27 8.80 -8.46
N ALA B 364 -2.91 9.80 -7.89
CA ALA B 364 -2.19 10.90 -7.25
C ALA B 364 -1.37 10.42 -6.05
N ASP B 365 -1.92 9.50 -5.26
CA ASP B 365 -1.16 8.91 -4.15
C ASP B 365 0.07 8.12 -4.64
N VAL B 366 -0.18 7.23 -5.57
CA VAL B 366 0.82 6.33 -6.03
C VAL B 366 2.01 7.09 -6.61
N MET B 367 1.71 8.16 -7.34
CA MET B 367 2.79 8.97 -7.94
C MET B 367 3.44 9.80 -6.87
N GLY B 368 2.65 10.23 -5.88
CA GLY B 368 3.20 10.88 -4.70
C GLY B 368 4.30 10.05 -4.08
N GLU B 369 3.90 8.97 -3.41
CA GLU B 369 4.82 7.98 -2.89
C GLU B 369 6.01 7.74 -3.80
N MET B 370 5.75 7.42 -5.06
CA MET B 370 6.84 7.19 -6.01
C MET B 370 7.84 8.33 -5.95
N LEU B 371 7.35 9.55 -6.06
CA LEU B 371 8.23 10.72 -6.06
C LEU B 371 9.05 10.84 -4.78
N VAL B 372 8.39 10.75 -3.63
CA VAL B 372 9.03 10.86 -2.31
C VAL B 372 9.97 9.69 -1.96
N THR B 373 9.48 8.46 -2.06
CA THR B 373 10.23 7.28 -1.63
C THR B 373 11.13 6.70 -2.72
N GLY B 374 10.78 6.88 -3.99
CA GLY B 374 11.53 6.28 -5.08
C GLY B 374 11.13 4.85 -5.34
N ARG B 375 10.23 4.32 -4.51
CA ARG B 375 9.77 2.96 -4.69
C ARG B 375 8.37 2.99 -5.24
N THR B 376 7.93 1.85 -5.77
CA THR B 376 6.65 1.72 -6.43
C THR B 376 5.71 0.95 -5.53
N PRO B 377 4.59 1.58 -5.10
CA PRO B 377 3.69 0.80 -4.26
C PRO B 377 3.21 -0.44 -4.96
N GLU B 378 3.02 -1.50 -4.19
CA GLU B 378 2.58 -2.80 -4.71
C GLU B 378 1.38 -2.66 -5.66
N VAL B 379 0.38 -1.89 -5.23
CA VAL B 379 -0.89 -1.78 -5.94
C VAL B 379 -0.73 -1.25 -7.38
N ALA B 380 0.37 -0.54 -7.63
CA ALA B 380 0.66 0.05 -8.93
C ALA B 380 1.64 -0.74 -9.79
N LYS B 381 2.25 -1.78 -9.24
CA LYS B 381 3.34 -2.46 -9.95
C LYS B 381 2.90 -2.96 -11.34
N ALA B 382 1.68 -3.48 -11.43
CA ALA B 382 1.17 -4.00 -12.69
C ALA B 382 1.08 -3.00 -13.86
N PHE B 383 1.37 -1.72 -13.60
CA PHE B 383 1.15 -0.65 -14.58
C PHE B 383 2.44 0.05 -14.95
N ALA B 384 3.56 -0.50 -14.52
CA ALA B 384 4.86 0.00 -14.91
C ALA B 384 4.91 0.18 -16.42
N VAL B 385 5.70 1.15 -16.84
CA VAL B 385 5.92 1.42 -18.25
C VAL B 385 6.72 0.29 -18.90
N ASP B 386 7.70 -0.24 -18.18
CA ASP B 386 8.63 -1.22 -18.74
C ASP B 386 7.96 -2.47 -19.33
N ARG B 387 6.68 -2.69 -19.07
CA ARG B 387 6.00 -3.89 -19.56
C ARG B 387 5.81 -3.99 -21.10
N PHE B 388 6.45 -3.13 -21.89
CA PHE B 388 6.19 -3.10 -23.34
C PHE B 388 7.42 -3.36 -24.24
PA FAD C . 11.77 -5.10 22.25
O1A FAD C . 13.14 -5.04 21.53
O2A FAD C . 11.73 -5.97 23.43
O5B FAD C . 11.28 -3.62 22.59
C5B FAD C . 11.18 -3.13 23.89
C4B FAD C . 12.10 -1.94 24.06
O4B FAD C . 11.32 -0.97 24.75
C3B FAD C . 13.36 -2.19 24.90
O3B FAD C . 14.52 -1.73 24.20
C2B FAD C . 13.13 -1.40 26.18
O2B FAD C . 14.28 -0.76 26.71
C1B FAD C . 12.16 -0.34 25.72
N9A FAD C . 11.33 0.20 26.79
C8A FAD C . 10.61 -0.53 27.66
N7A FAD C . 9.96 0.29 28.49
C5A FAD C . 10.23 1.54 28.16
C6A FAD C . 9.85 2.81 28.68
N6A FAD C . 9.00 2.86 29.73
N1A FAD C . 10.34 3.89 28.07
C2A FAD C . 11.17 3.83 27.02
N3A FAD C . 11.59 2.67 26.49
C4A FAD C . 11.14 1.50 27.03
N1 FAD C . 11.79 -12.46 15.26
C2 FAD C . 11.96 -12.75 14.00
O2 FAD C . 11.36 -11.97 13.23
N3 FAD C . 12.75 -13.78 13.60
C4 FAD C . 13.39 -14.59 14.47
O4 FAD C . 14.10 -15.55 14.09
C4X FAD C . 13.21 -14.34 15.91
N5 FAD C . 13.77 -15.09 16.89
C5X FAD C . 13.51 -14.74 18.17
C6 FAD C . 14.11 -15.47 19.17
C7 FAD C . 13.89 -15.16 20.50
C7M FAD C . 14.53 -16.01 21.55
C8 FAD C . 12.99 -14.04 20.86
C8M FAD C . 12.70 -13.66 22.27
C9 FAD C . 12.43 -13.27 19.84
C9A FAD C . 12.64 -13.59 18.52
N10 FAD C . 12.07 -12.82 17.50
C10 FAD C . 12.32 -13.21 16.22
C1' FAD C . 11.11 -11.74 17.61
C2' FAD C . 11.57 -10.36 17.64
O2' FAD C . 12.69 -10.46 18.46
C3' FAD C . 10.52 -9.55 18.36
O3' FAD C . 9.23 -9.78 17.80
C4' FAD C . 10.99 -8.10 18.32
O4' FAD C . 12.22 -8.05 19.05
C5' FAD C . 10.02 -7.14 18.98
O5' FAD C . 10.54 -5.82 18.89
P FAD C . 10.09 -4.68 19.91
O1P FAD C . 10.99 -3.57 19.45
O2P FAD C . 8.60 -4.57 19.87
O3P FAD C . 10.57 -5.43 21.24
OAB B6X D . 10.25 -16.38 18.03
CAN B6X D . 11.02 -17.25 17.55
OAD B6X D . 11.54 -18.19 18.20
CAK B6X D . 11.38 -17.12 16.09
SAM B6X D . 10.19 -18.22 15.24
CAP B6X D . 11.07 -18.61 13.71
CAL B6X D . 10.91 -20.10 13.37
CAO B6X D . 9.45 -20.48 13.09
OAE B6X D . 8.54 -19.88 13.69
OAC B6X D . 9.28 -21.47 12.34
CAJ B6X D . 10.74 -17.79 12.44
CAI B6X D . 9.88 -16.59 12.78
CAH B6X D . 10.23 -15.44 11.81
CAG B6X D . 9.78 -15.77 10.39
CAF B6X D . 8.37 -15.21 10.22
CAA B6X D . 7.87 -15.49 8.76
PA FAD E . -7.10 15.04 -20.08
O1A FAD E . -8.30 15.51 -19.31
O2A FAD E . -7.30 14.77 -21.56
O5B FAD E . -5.90 16.06 -19.90
C5B FAD E . -4.81 16.03 -20.81
C4B FAD E . -4.24 17.42 -20.61
O4B FAD E . -2.97 17.49 -21.24
C3B FAD E . -5.13 18.47 -21.26
O3B FAD E . -5.75 19.33 -20.29
C2B FAD E . -4.21 19.16 -22.26
O2B FAD E . -4.28 20.58 -22.25
C1B FAD E . -2.85 18.78 -21.77
N9A FAD E . -1.81 18.86 -22.81
C8A FAD E . -1.82 18.30 -24.02
N7A FAD E . -0.67 18.61 -24.69
C5A FAD E . 0.08 19.36 -23.88
C6A FAD E . 1.38 20.02 -23.96
N6A FAD E . 2.12 19.91 -25.09
N1A FAD E . 1.79 20.75 -22.90
C2A FAD E . 1.05 20.85 -21.78
N3A FAD E . -0.15 20.28 -21.63
C4A FAD E . -0.68 19.54 -22.65
N1 FAD E . -14.09 8.62 -16.27
C2 FAD E . -14.76 8.21 -15.20
O2 FAD E . -14.08 7.82 -14.23
N3 FAD E . -16.11 8.24 -15.12
C4 FAD E . -16.87 8.64 -16.15
O4 FAD E . -18.13 8.63 -16.08
C4X FAD E . -16.15 9.09 -17.36
N5 FAD E . -16.80 9.51 -18.43
C5X FAD E . -16.13 9.94 -19.53
C6 FAD E . -16.89 10.36 -20.59
C7 FAD E . -16.34 10.80 -21.77
C7M FAD E . -17.27 11.25 -22.87
C8 FAD E . -14.86 10.83 -21.87
C8M FAD E . -14.28 11.32 -23.15
C9 FAD E . -14.07 10.40 -20.82
C9A FAD E . -14.65 9.95 -19.63
N10 FAD E . -13.93 9.52 -18.48
C10 FAD E . -14.69 9.07 -17.36
C1' FAD E . -12.48 9.44 -18.46
C2' FAD E . -11.68 10.65 -17.94
O2' FAD E . -12.15 11.95 -18.29
C3' FAD E . -10.24 10.55 -18.51
O3' FAD E . -9.72 9.26 -18.16
C4' FAD E . -9.37 11.67 -17.95
O4' FAD E . -9.37 12.80 -18.79
C5' FAD E . -7.92 11.37 -17.79
O5' FAD E . -7.35 12.62 -17.41
P FAD E . -6.03 13.16 -18.23
O1P FAD E . -5.63 14.36 -17.41
O2P FAD E . -5.15 11.98 -18.54
O3P FAD E . -6.52 13.59 -19.66
OAB B6X F . -17.68 6.78 -21.28
CAN B6X F . -16.76 6.61 -20.43
OAD B6X F . -15.51 6.65 -20.65
CAK B6X F . -17.16 6.38 -19.01
SAM B6X F . -17.20 4.55 -18.86
CAP B6X F . -18.40 4.42 -17.48
CAL B6X F . -19.60 3.54 -17.83
CAO B6X F . -19.25 2.02 -17.88
OAE B6X F . -20.07 1.22 -17.34
OAC B6X F . -18.20 1.66 -18.45
CAJ B6X F . -17.84 3.85 -16.20
CAI B6X F . -16.60 4.58 -15.64
CAH B6X F . -16.68 4.07 -14.21
CAG B6X F . -15.34 3.63 -13.64
CAF B6X F . -15.78 2.56 -12.59
CAA B6X F . -14.60 1.67 -12.16
#